data_8GR7
#
_entry.id   8GR7
#
_cell.length_a   45.203
_cell.length_b   45.224
_cell.length_c   79.324
_cell.angle_alpha   85.060
_cell.angle_beta   78.050
_cell.angle_gamma   79.950
#
_symmetry.space_group_name_H-M   'P 1'
#
loop_
_entity.id
_entity.type
_entity.pdbx_description
1 polymer AcCop4
2 non-polymer 'MAGNESIUM ION'
3 non-polymer PYROPHOSPHATE
4 non-polymer DI(HYDROXYETHYL)ETHER
5 water water
#
_entity_poly.entity_id   1
_entity_poly.type   'polypeptide(L)'
_entity_poly.pdbx_seq_one_letter_code
;MSSATKQFTLPDLLAMCPFTGSTNPHYAKAAAESSAWVNSYNILSDRKRAFFVTGSNELLVSHTYPYAGYEQFRTCCDFV
NLLFVVDEVSDDQNGQDARQTGNVYLNAMRDPAWDDGSALAKMTKEFRARLLRYAGPGCYRRFLKHCEDYVDAVAREAEY
RERGYVLDMASFETLRRENSAIRLCFGLFEYVLGVDLPEGVFEDPVFMTLYWAAADMVCWSNDVYSYNMEQAKGHSGNNI
VTVLMRQKNVDLQTASDLVGEHFATLMDRFVTAKGGLPSWSPSVDAAVSDYVRAMEYWVTGNLEWSFETQRYFGVMHAEI
KYTRLISLREREEEELEHHHHHH
;
_entity_poly.pdbx_strand_id   A,B
#
loop_
_chem_comp.id
_chem_comp.type
_chem_comp.name
_chem_comp.formula
MG non-polymer 'MAGNESIUM ION' 'Mg 2'
PEG non-polymer DI(HYDROXYETHYL)ETHER 'C4 H10 O3'
PPV non-polymer PYROPHOSPHATE 'H4 O7 P2'
#
# COMPACT_ATOMS: atom_id res chain seq x y z
N LYS A 6 22.10 9.92 10.30
CA LYS A 6 21.03 10.75 9.77
C LYS A 6 19.96 9.91 9.06
N GLN A 7 20.35 9.32 7.93
CA GLN A 7 19.46 8.57 7.06
C GLN A 7 20.21 7.37 6.50
N PHE A 8 19.45 6.41 6.00
CA PHE A 8 20.02 5.32 5.25
C PHE A 8 18.95 4.77 4.32
N THR A 9 19.35 3.92 3.39
CA THR A 9 18.41 3.30 2.48
C THR A 9 18.34 1.81 2.73
N LEU A 10 17.11 1.29 2.79
CA LEU A 10 16.87 -0.13 2.94
C LEU A 10 17.40 -0.91 1.74
N PRO A 11 17.80 -2.16 1.95
CA PRO A 11 18.04 -3.03 0.80
C PRO A 11 16.73 -3.29 0.08
N ASP A 12 16.83 -3.54 -1.23
CA ASP A 12 15.63 -3.69 -2.05
C ASP A 12 15.21 -5.16 -2.04
N LEU A 13 14.60 -5.57 -0.93
CA LEU A 13 14.31 -7.00 -0.73
C LEU A 13 13.19 -7.48 -1.65
N LEU A 14 12.19 -6.64 -1.93
CA LEU A 14 11.12 -7.06 -2.83
C LEU A 14 11.66 -7.36 -4.23
N ALA A 15 12.68 -6.63 -4.66
CA ALA A 15 13.32 -6.89 -5.94
C ALA A 15 14.01 -8.25 -5.95
N MET A 16 14.42 -8.74 -4.78
CA MET A 16 15.07 -10.04 -4.69
C MET A 16 14.09 -11.19 -4.52
N CYS A 17 12.79 -10.89 -4.42
CA CYS A 17 11.80 -11.92 -4.14
C CYS A 17 11.13 -12.35 -5.43
N PRO A 18 11.38 -13.57 -5.90
CA PRO A 18 10.71 -14.06 -7.12
C PRO A 18 9.31 -14.62 -6.89
N PHE A 19 8.87 -14.75 -5.65
CA PHE A 19 7.56 -15.35 -5.39
C PHE A 19 6.44 -14.34 -5.60
N THR A 20 5.27 -14.85 -5.97
CA THR A 20 4.09 -14.02 -6.21
C THR A 20 3.24 -14.02 -4.94
N GLY A 21 2.99 -12.83 -4.40
CA GLY A 21 2.25 -12.74 -3.15
C GLY A 21 0.75 -12.76 -3.36
N SER A 22 0.03 -13.04 -2.27
CA SER A 22 -1.42 -13.08 -2.32
C SER A 22 -1.97 -12.63 -0.97
N THR A 23 -3.29 -12.50 -0.92
CA THR A 23 -3.98 -12.15 0.31
C THR A 23 -5.17 -13.09 0.52
N ASN A 24 -5.65 -13.11 1.74
CA ASN A 24 -6.71 -14.03 2.09
C ASN A 24 -8.06 -13.39 1.85
N PRO A 25 -8.94 -14.04 1.08
CA PRO A 25 -10.28 -13.47 0.84
C PRO A 25 -11.14 -13.33 2.10
N HIS A 26 -10.84 -14.07 3.16
CA HIS A 26 -11.57 -13.97 4.42
C HIS A 26 -11.07 -12.84 5.30
N TYR A 27 -10.20 -11.97 4.79
CA TYR A 27 -9.57 -10.97 5.64
C TYR A 27 -10.61 -10.05 6.29
N ALA A 28 -11.54 -9.53 5.49
CA ALA A 28 -12.46 -8.53 6.02
C ALA A 28 -13.24 -9.06 7.20
N LYS A 29 -13.75 -10.29 7.11
CA LYS A 29 -14.60 -10.80 8.18
C LYS A 29 -13.80 -11.41 9.33
N ALA A 30 -12.76 -12.21 9.06
CA ALA A 30 -11.97 -12.76 10.16
C ALA A 30 -11.16 -11.69 10.88
N ALA A 31 -10.72 -10.64 10.18
CA ALA A 31 -9.97 -9.58 10.85
C ALA A 31 -10.85 -8.79 11.81
N ALA A 32 -12.09 -8.49 11.40
CA ALA A 32 -13.01 -7.80 12.30
C ALA A 32 -13.30 -8.64 13.54
N GLU A 33 -13.48 -9.95 13.35
CA GLU A 33 -13.68 -10.86 14.49
C GLU A 33 -12.45 -10.90 15.37
N SER A 34 -11.27 -11.07 14.78
CA SER A 34 -10.04 -11.16 15.56
C SER A 34 -9.74 -9.85 16.28
N SER A 35 -9.92 -8.72 15.59
CA SER A 35 -9.62 -7.44 16.24
C SER A 35 -10.59 -7.20 17.40
N ALA A 36 -11.86 -7.55 17.21
CA ALA A 36 -12.82 -7.41 18.31
C ALA A 36 -12.49 -8.35 19.46
N TRP A 37 -12.02 -9.56 19.13
CA TRP A 37 -11.61 -10.51 20.16
C TRP A 37 -10.45 -9.98 21.01
N VAL A 38 -9.35 -9.55 20.37
CA VAL A 38 -8.19 -9.15 21.15
C VAL A 38 -8.47 -7.86 21.92
N ASN A 39 -9.25 -6.96 21.34
CA ASN A 39 -9.54 -5.69 22.00
C ASN A 39 -10.58 -5.84 23.11
N SER A 40 -11.16 -7.01 23.25
CA SER A 40 -12.00 -7.31 24.39
C SER A 40 -11.19 -7.52 25.66
N TYR A 41 -9.87 -7.37 25.59
CA TYR A 41 -9.00 -7.57 26.73
C TYR A 41 -8.27 -6.26 27.05
N ASN A 42 -8.11 -5.99 28.34
CA ASN A 42 -7.40 -4.80 28.80
C ASN A 42 -6.05 -5.26 29.34
N ILE A 43 -4.99 -5.01 28.56
CA ILE A 43 -3.66 -5.50 28.87
C ILE A 43 -2.61 -4.47 28.51
N LEU A 44 -2.87 -3.67 27.48
CA LEU A 44 -1.91 -2.70 26.99
C LEU A 44 -2.23 -1.30 27.51
N SER A 45 -1.19 -0.48 27.62
CA SER A 45 -1.37 0.93 27.95
C SER A 45 -2.11 1.63 26.83
N ASP A 46 -2.72 2.77 27.16
CA ASP A 46 -3.42 3.54 26.15
C ASP A 46 -2.51 3.95 25.00
N ARG A 47 -1.23 4.20 25.29
CA ARG A 47 -0.30 4.56 24.22
C ARG A 47 0.07 3.34 23.37
N LYS A 48 0.34 2.21 24.03
CA LYS A 48 0.61 0.97 23.29
C LYS A 48 -0.64 0.53 22.52
N ARG A 49 -1.83 0.68 23.12
CA ARG A 49 -3.06 0.34 22.41
C ARG A 49 -3.20 1.16 21.13
N ALA A 50 -2.97 2.47 21.22
CA ALA A 50 -3.10 3.33 20.05
C ALA A 50 -2.22 2.85 18.89
N PHE A 51 -1.00 2.41 19.18
CA PHE A 51 -0.14 1.88 18.12
C PHE A 51 -0.60 0.51 17.66
N PHE A 52 -0.99 -0.35 18.61
CA PHE A 52 -1.42 -1.71 18.32
C PHE A 52 -2.60 -1.72 17.36
N VAL A 53 -3.65 -0.96 17.68
CA VAL A 53 -4.83 -0.96 16.83
C VAL A 53 -4.59 -0.29 15.49
N THR A 54 -3.44 0.37 15.32
CA THR A 54 -3.03 1.02 14.07
C THR A 54 -2.03 0.20 13.27
N GLY A 55 -1.59 -0.94 13.80
CA GLY A 55 -0.55 -1.72 13.17
C GLY A 55 -0.99 -2.69 12.09
N SER A 56 -2.29 -2.85 11.87
CA SER A 56 -2.82 -3.81 10.89
C SER A 56 -2.24 -5.21 11.11
N ASN A 57 -2.37 -5.70 12.35
CA ASN A 57 -1.88 -7.04 12.68
C ASN A 57 -2.49 -8.10 11.77
N GLU A 58 -3.79 -8.03 11.54
CA GLU A 58 -4.44 -9.09 10.76
C GLU A 58 -4.02 -9.03 9.30
N LEU A 59 -3.62 -7.85 8.82
CA LEU A 59 -3.13 -7.75 7.44
C LEU A 59 -1.87 -8.59 7.23
N LEU A 60 -1.02 -8.69 8.26
CA LEU A 60 0.16 -9.56 8.15
C LEU A 60 -0.26 -11.00 7.93
N VAL A 61 -1.26 -11.45 8.69
CA VAL A 61 -1.79 -12.81 8.56
C VAL A 61 -2.42 -13.02 7.18
N SER A 62 -3.14 -12.01 6.67
CA SER A 62 -3.73 -12.12 5.35
C SER A 62 -2.66 -12.39 4.28
N HIS A 63 -1.55 -11.65 4.36
CA HIS A 63 -0.48 -11.78 3.36
C HIS A 63 0.29 -13.08 3.50
N THR A 64 0.42 -13.61 4.71
CA THR A 64 1.30 -14.76 4.93
C THR A 64 0.58 -16.09 4.93
N TYR A 65 -0.73 -16.11 5.25
CA TYR A 65 -1.57 -17.30 5.12
C TYR A 65 -2.74 -17.03 4.15
N PRO A 66 -2.46 -16.68 2.90
CA PRO A 66 -3.54 -16.26 2.00
C PRO A 66 -4.37 -17.42 1.52
N TYR A 67 -3.89 -18.64 1.72
CA TYR A 67 -4.54 -19.89 1.33
C TYR A 67 -5.44 -20.45 2.42
N ALA A 68 -5.42 -19.89 3.62
CA ALA A 68 -6.12 -20.51 4.75
C ALA A 68 -7.64 -20.41 4.61
N GLY A 69 -8.32 -21.51 4.91
CA GLY A 69 -9.76 -21.48 5.04
C GLY A 69 -10.18 -20.62 6.23
N TYR A 70 -11.46 -20.27 6.28
CA TYR A 70 -11.91 -19.28 7.25
C TYR A 70 -11.50 -19.64 8.67
N GLU A 71 -11.89 -20.85 9.10
CA GLU A 71 -11.66 -21.25 10.49
C GLU A 71 -10.18 -21.16 10.85
N GLN A 72 -9.33 -21.76 10.02
CA GLN A 72 -7.90 -21.72 10.28
C GLN A 72 -7.34 -20.31 10.16
N PHE A 73 -7.87 -19.50 9.22
CA PHE A 73 -7.36 -18.14 9.08
C PHE A 73 -7.68 -17.29 10.30
N ARG A 74 -8.92 -17.40 10.81
CA ARG A 74 -9.29 -16.67 12.00
C ARG A 74 -8.40 -17.06 13.18
N THR A 75 -8.14 -18.35 13.34
CA THR A 75 -7.22 -18.80 14.38
C THR A 75 -5.84 -18.18 14.21
N CYS A 76 -5.34 -18.10 12.97
CA CYS A 76 -4.03 -17.47 12.75
C CYS A 76 -4.06 -15.99 13.09
N CYS A 77 -5.18 -15.32 12.80
CA CYS A 77 -5.32 -13.93 13.19
C CYS A 77 -5.26 -13.77 14.70
N ASP A 78 -6.02 -14.61 15.42
CA ASP A 78 -6.00 -14.56 16.88
C ASP A 78 -4.60 -14.83 17.41
N PHE A 79 -3.88 -15.75 16.77
CA PHE A 79 -2.54 -16.09 17.26
C PHE A 79 -1.55 -14.96 17.05
N VAL A 80 -1.59 -14.32 15.88
CA VAL A 80 -0.64 -13.26 15.64
C VAL A 80 -1.00 -12.04 16.48
N ASN A 81 -2.29 -11.80 16.70
CA ASN A 81 -2.69 -10.75 17.63
C ASN A 81 -2.20 -11.06 19.04
N LEU A 82 -2.31 -12.33 19.46
CA LEU A 82 -1.77 -12.75 20.75
C LEU A 82 -0.26 -12.52 20.83
N LEU A 83 0.48 -12.89 19.77
CA LEU A 83 1.93 -12.68 19.81
C LEU A 83 2.27 -11.20 19.94
N PHE A 84 1.57 -10.33 19.19
CA PHE A 84 1.85 -8.91 19.28
C PHE A 84 1.58 -8.39 20.68
N VAL A 85 0.56 -8.93 21.36
CA VAL A 85 0.30 -8.54 22.74
C VAL A 85 1.46 -8.94 23.64
N VAL A 86 1.89 -10.20 23.55
CA VAL A 86 3.01 -10.67 24.35
C VAL A 86 4.25 -9.84 24.06
N ASP A 87 4.47 -9.49 22.79
CA ASP A 87 5.64 -8.71 22.39
C ASP A 87 5.61 -7.32 23.01
N GLU A 88 4.48 -6.62 22.90
CA GLU A 88 4.41 -5.23 23.36
C GLU A 88 4.40 -5.13 24.87
N VAL A 89 3.86 -6.15 25.55
CA VAL A 89 3.90 -6.17 27.00
C VAL A 89 5.33 -6.41 27.49
N SER A 90 5.99 -7.40 26.89
CA SER A 90 7.34 -7.76 27.32
C SER A 90 8.37 -6.74 26.89
N ASP A 91 8.09 -5.95 25.86
CA ASP A 91 8.99 -4.86 25.48
C ASP A 91 9.18 -3.87 26.63
N ASP A 92 8.12 -3.58 27.37
CA ASP A 92 8.16 -2.60 28.45
C ASP A 92 8.51 -3.20 29.79
N GLN A 93 9.08 -4.39 29.82
CA GLN A 93 9.31 -5.08 31.08
C GLN A 93 10.78 -5.42 31.24
N ASN A 94 11.20 -5.48 32.51
CA ASN A 94 12.51 -6.01 32.87
C ASN A 94 12.53 -7.52 32.66
N GLY A 95 13.72 -8.10 32.83
CA GLY A 95 13.89 -9.50 32.48
C GLY A 95 12.99 -10.42 33.27
N GLN A 96 12.89 -10.21 34.58
CA GLN A 96 12.09 -11.12 35.40
C GLN A 96 10.60 -10.95 35.10
N ASP A 97 10.16 -9.70 34.89
CA ASP A 97 8.75 -9.48 34.55
C ASP A 97 8.43 -10.01 33.16
N ALA A 98 9.36 -9.89 32.21
CA ALA A 98 9.09 -10.45 30.89
C ALA A 98 9.03 -11.96 30.96
N ARG A 99 9.92 -12.58 31.74
CA ARG A 99 9.89 -14.04 31.88
C ARG A 99 8.56 -14.49 32.46
N GLN A 100 8.03 -13.73 33.42
CA GLN A 100 6.72 -14.10 33.98
C GLN A 100 5.62 -13.94 32.93
N THR A 101 5.68 -12.88 32.12
CA THR A 101 4.69 -12.68 31.07
C THR A 101 4.70 -13.84 30.08
N GLY A 102 5.89 -14.23 29.61
CA GLY A 102 5.96 -15.36 28.70
C GLY A 102 5.46 -16.64 29.33
N ASN A 103 5.73 -16.81 30.63
CA ASN A 103 5.34 -18.02 31.32
C ASN A 103 3.82 -18.12 31.49
N VAL A 104 3.12 -16.98 31.52
CA VAL A 104 1.66 -17.00 31.51
C VAL A 104 1.15 -17.60 30.19
N TYR A 105 1.69 -17.11 29.08
CA TYR A 105 1.39 -17.72 27.78
C TYR A 105 1.76 -19.20 27.77
N LEU A 106 2.96 -19.52 28.23
CA LEU A 106 3.47 -20.89 28.07
C LEU A 106 2.66 -21.88 28.90
N ASN A 107 2.38 -21.55 30.16
CA ASN A 107 1.62 -22.49 31.00
C ASN A 107 0.18 -22.62 30.53
N ALA A 108 -0.44 -21.50 30.15
CA ALA A 108 -1.80 -21.56 29.62
C ALA A 108 -1.88 -22.43 28.38
N MET A 109 -0.82 -22.42 27.56
CA MET A 109 -0.79 -23.27 26.37
C MET A 109 -0.61 -24.74 26.73
N ARG A 110 0.29 -25.02 27.65
CA ARG A 110 0.78 -26.38 27.88
C ARG A 110 -0.06 -27.16 28.88
N ASP A 111 -0.61 -26.49 29.88
CA ASP A 111 -1.29 -27.14 30.99
C ASP A 111 -2.78 -26.83 30.96
N PRO A 112 -3.64 -27.80 30.65
CA PRO A 112 -5.09 -27.50 30.55
C PRO A 112 -5.72 -27.02 31.85
N ALA A 113 -5.13 -27.33 33.00
CA ALA A 113 -5.66 -26.87 34.28
C ALA A 113 -5.25 -25.45 34.63
N TRP A 114 -4.11 -24.99 34.11
CA TRP A 114 -3.48 -23.76 34.58
C TRP A 114 -4.21 -22.53 34.03
N ASP A 115 -4.64 -21.64 34.92
CA ASP A 115 -5.20 -20.34 34.54
C ASP A 115 -5.08 -19.42 35.75
N ASP A 116 -4.18 -18.46 35.67
CA ASP A 116 -3.92 -17.61 36.82
C ASP A 116 -4.94 -16.49 36.97
N GLY A 117 -5.96 -16.45 36.11
CA GLY A 117 -6.99 -15.43 36.16
C GLY A 117 -6.74 -14.18 35.32
N SER A 118 -5.54 -14.01 34.77
CA SER A 118 -5.23 -12.76 34.08
C SER A 118 -5.88 -12.72 32.70
N ALA A 119 -5.92 -11.52 32.12
CA ALA A 119 -6.43 -11.40 30.77
C ALA A 119 -5.57 -12.18 29.78
N LEU A 120 -4.25 -12.21 29.98
CA LEU A 120 -3.37 -12.90 29.05
C LEU A 120 -3.58 -14.41 29.10
N ALA A 121 -3.74 -14.98 30.30
CA ALA A 121 -4.07 -16.40 30.42
C ALA A 121 -5.38 -16.72 29.71
N LYS A 122 -6.42 -15.90 29.91
CA LYS A 122 -7.70 -16.20 29.27
C LYS A 122 -7.59 -16.10 27.77
N MET A 123 -6.89 -15.07 27.28
CA MET A 123 -6.65 -14.93 25.85
C MET A 123 -5.96 -16.17 25.28
N THR A 124 -4.90 -16.63 25.97
CA THR A 124 -4.16 -17.79 25.49
C THR A 124 -5.04 -19.03 25.47
N LYS A 125 -5.83 -19.23 26.53
CA LYS A 125 -6.72 -20.39 26.61
C LYS A 125 -7.72 -20.42 25.46
N GLU A 126 -8.19 -19.26 25.00
CA GLU A 126 -9.17 -19.23 23.93
C GLU A 126 -8.54 -19.57 22.59
N PHE A 127 -7.37 -18.99 22.27
CA PHE A 127 -6.65 -19.44 21.09
C PHE A 127 -6.34 -20.93 21.16
N ARG A 128 -5.86 -21.39 22.32
CA ARG A 128 -5.54 -22.80 22.52
C ARG A 128 -6.72 -23.70 22.15
N ALA A 129 -7.92 -23.34 22.63
CA ALA A 129 -9.11 -24.13 22.32
C ALA A 129 -9.38 -24.16 20.82
N ARG A 130 -9.14 -23.04 20.12
CA ARG A 130 -9.30 -23.03 18.67
C ARG A 130 -8.29 -23.97 18.01
N LEU A 131 -7.01 -23.81 18.36
CA LEU A 131 -5.96 -24.66 17.79
C LEU A 131 -6.27 -26.13 18.00
N LEU A 132 -6.70 -26.50 19.20
CA LEU A 132 -6.86 -27.91 19.55
C LEU A 132 -8.10 -28.54 18.91
N ARG A 133 -8.98 -27.75 18.28
CA ARG A 133 -10.08 -28.35 17.54
C ARG A 133 -9.57 -29.27 16.42
N TYR A 134 -8.46 -28.89 15.79
CA TYR A 134 -8.02 -29.53 14.57
C TYR A 134 -6.56 -29.98 14.57
N ALA A 135 -5.72 -29.45 15.46
CA ALA A 135 -4.30 -29.70 15.34
C ALA A 135 -3.98 -31.17 15.62
N GLY A 136 -3.12 -31.74 14.80
CA GLY A 136 -2.70 -33.11 14.97
C GLY A 136 -1.70 -33.26 16.09
N PRO A 137 -1.48 -34.52 16.49
CA PRO A 137 -0.56 -34.76 17.63
C PRO A 137 0.87 -34.36 17.33
N GLY A 138 1.33 -34.56 16.10
CA GLY A 138 2.67 -34.12 15.75
C GLY A 138 2.79 -32.60 15.76
N CYS A 139 1.89 -31.92 15.05
CA CYS A 139 1.89 -30.47 15.01
C CYS A 139 1.83 -29.87 16.41
N TYR A 140 0.92 -30.37 17.25
CA TYR A 140 0.74 -29.80 18.59
C TYR A 140 1.93 -30.05 19.49
N ARG A 141 2.49 -31.27 19.44
CA ARG A 141 3.65 -31.57 20.25
C ARG A 141 4.81 -30.63 19.93
N ARG A 142 5.07 -30.43 18.65
CA ARG A 142 6.15 -29.52 18.25
C ARG A 142 5.79 -28.07 18.51
N PHE A 143 4.51 -27.71 18.43
CA PHE A 143 4.11 -26.34 18.72
C PHE A 143 4.43 -25.98 20.17
N LEU A 144 4.14 -26.89 21.10
CA LEU A 144 4.44 -26.62 22.51
C LEU A 144 5.95 -26.48 22.73
N LYS A 145 6.75 -27.25 22.00
CA LYS A 145 8.21 -27.08 22.10
C LYS A 145 8.62 -25.72 21.56
N HIS A 146 8.02 -25.31 20.43
CA HIS A 146 8.25 -23.96 19.92
C HIS A 146 7.81 -22.90 20.93
N CYS A 147 6.72 -23.15 21.65
CA CYS A 147 6.27 -22.18 22.65
C CYS A 147 7.33 -21.97 23.74
N GLU A 148 7.91 -23.06 24.23
CA GLU A 148 8.90 -22.93 25.30
C GLU A 148 10.16 -22.21 24.83
N ASP A 149 10.64 -22.54 23.62
CA ASP A 149 11.83 -21.88 23.06
C ASP A 149 11.57 -20.40 22.83
N TYR A 150 10.36 -20.06 22.38
CA TYR A 150 9.99 -18.67 22.15
C TYR A 150 10.01 -17.89 23.46
N VAL A 151 9.40 -18.46 24.51
CA VAL A 151 9.33 -17.77 25.79
C VAL A 151 10.71 -17.59 26.39
N ASP A 152 11.54 -18.64 26.33
CA ASP A 152 12.88 -18.49 26.90
C ASP A 152 13.66 -17.42 26.16
N ALA A 153 13.48 -17.32 24.84
CA ALA A 153 14.22 -16.35 24.03
C ALA A 153 13.70 -14.93 24.21
N VAL A 154 12.39 -14.77 24.40
CA VAL A 154 11.83 -13.45 24.72
C VAL A 154 12.29 -12.99 26.10
N ALA A 155 12.27 -13.90 27.07
CA ALA A 155 12.75 -13.55 28.41
C ALA A 155 14.22 -13.18 28.37
N ARG A 156 15.03 -13.94 27.63
CA ARG A 156 16.45 -13.61 27.57
C ARG A 156 16.69 -12.33 26.79
N GLU A 157 15.86 -12.06 25.77
CA GLU A 157 15.93 -10.76 25.09
C GLU A 157 15.71 -9.64 26.10
N ALA A 158 14.70 -9.79 26.95
CA ALA A 158 14.43 -8.75 27.94
C ALA A 158 15.59 -8.59 28.91
N GLU A 159 16.16 -9.69 29.40
CA GLU A 159 17.31 -9.61 30.29
C GLU A 159 18.48 -8.90 29.62
N TYR A 160 18.76 -9.23 28.37
CA TYR A 160 19.91 -8.63 27.69
C TYR A 160 19.66 -7.17 27.36
N ARG A 161 18.43 -6.85 26.96
CA ARG A 161 18.05 -5.46 26.75
C ARG A 161 18.25 -4.62 28.01
N GLU A 162 17.81 -5.11 29.16
CA GLU A 162 17.88 -4.27 30.35
C GLU A 162 19.32 -4.09 30.81
N ARG A 163 20.20 -5.03 30.47
CA ARG A 163 21.61 -4.97 30.84
C ARG A 163 22.48 -4.27 29.81
N GLY A 164 21.95 -4.01 28.61
CA GLY A 164 22.74 -3.43 27.54
C GLY A 164 23.61 -4.42 26.77
N TYR A 165 23.38 -5.72 26.92
CA TYR A 165 24.25 -6.71 26.31
C TYR A 165 23.80 -6.99 24.88
N VAL A 166 24.72 -6.83 23.92
CA VAL A 166 24.48 -7.16 22.51
C VAL A 166 25.19 -8.47 22.19
N LEU A 167 24.43 -9.46 21.72
CA LEU A 167 24.95 -10.79 21.48
C LEU A 167 25.91 -10.81 20.29
N ASP A 168 26.89 -11.70 20.35
CA ASP A 168 27.67 -12.02 19.16
C ASP A 168 26.74 -12.66 18.11
N MET A 169 27.12 -12.52 16.84
CA MET A 169 26.23 -12.85 15.73
C MET A 169 25.73 -14.29 15.77
N ALA A 170 26.61 -15.26 16.04
CA ALA A 170 26.19 -16.65 16.08
C ALA A 170 25.16 -16.89 17.18
N SER A 171 25.46 -16.42 18.40
CA SER A 171 24.47 -16.52 19.47
C SER A 171 23.22 -15.71 19.14
N PHE A 172 23.38 -14.55 18.52
CA PHE A 172 22.19 -13.75 18.20
C PHE A 172 21.24 -14.52 17.30
N GLU A 173 21.77 -15.26 16.31
CA GLU A 173 20.88 -15.88 15.33
C GLU A 173 20.09 -17.01 15.97
N THR A 174 20.73 -17.80 16.84
CA THR A 174 20.00 -18.81 17.60
C THR A 174 18.86 -18.20 18.40
N LEU A 175 19.13 -17.10 19.11
CA LEU A 175 18.09 -16.46 19.91
C LEU A 175 16.99 -15.87 19.03
N ARG A 176 17.39 -15.12 18.00
CA ARG A 176 16.42 -14.37 17.20
C ARG A 176 15.47 -15.30 16.44
N ARG A 177 15.97 -16.41 15.91
CA ARG A 177 15.11 -17.42 15.31
C ARG A 177 13.96 -17.79 16.23
N GLU A 178 14.24 -17.89 17.54
CA GLU A 178 13.17 -18.24 18.47
C GLU A 178 12.32 -17.04 18.88
N ASN A 179 12.94 -15.90 19.29
CA ASN A 179 12.10 -14.82 19.81
C ASN A 179 11.41 -14.00 18.72
N SER A 180 11.73 -14.21 17.46
CA SER A 180 10.92 -13.63 16.39
C SER A 180 9.54 -14.28 16.29
N ALA A 181 9.36 -15.44 16.90
CA ALA A 181 8.17 -16.29 16.84
C ALA A 181 7.94 -16.89 15.45
N ILE A 182 8.92 -16.81 14.55
CA ILE A 182 8.69 -17.36 13.21
C ILE A 182 8.51 -18.87 13.26
N ARG A 183 9.17 -19.55 14.21
CA ARG A 183 8.99 -21.00 14.28
C ARG A 183 7.57 -21.35 14.76
N LEU A 184 6.99 -20.54 15.65
CA LEU A 184 5.60 -20.75 16.00
C LEU A 184 4.69 -20.54 14.78
N CYS A 185 4.97 -19.51 13.98
CA CYS A 185 4.11 -19.21 12.84
C CYS A 185 4.23 -20.28 11.76
N PHE A 186 5.47 -20.71 11.46
CA PHE A 186 5.62 -21.89 10.60
C PHE A 186 4.98 -23.10 11.26
N GLY A 187 4.98 -23.14 12.58
CA GLY A 187 4.42 -24.25 13.33
C GLY A 187 2.92 -24.39 13.19
N LEU A 188 2.22 -23.39 12.64
CA LEU A 188 0.80 -23.54 12.35
C LEU A 188 0.51 -24.10 10.96
N PHE A 189 1.53 -24.33 10.12
CA PHE A 189 1.28 -24.78 8.76
C PHE A 189 0.52 -26.10 8.72
N GLU A 190 0.94 -27.07 9.55
CA GLU A 190 0.23 -28.35 9.60
C GLU A 190 -1.19 -28.19 10.10
N TYR A 191 -1.43 -27.20 10.98
CA TYR A 191 -2.79 -26.91 11.41
C TYR A 191 -3.59 -26.27 10.27
N VAL A 192 -2.99 -25.28 9.59
CA VAL A 192 -3.71 -24.59 8.51
C VAL A 192 -4.00 -25.55 7.36
N LEU A 193 -3.03 -26.38 7.00
CA LEU A 193 -3.18 -27.34 5.90
C LEU A 193 -3.93 -28.60 6.29
N GLY A 194 -4.19 -28.80 7.59
CA GLY A 194 -5.01 -29.91 8.03
C GLY A 194 -4.35 -31.26 8.04
N VAL A 195 -3.03 -31.32 8.13
CA VAL A 195 -2.37 -32.62 8.10
C VAL A 195 -0.97 -32.50 8.68
N ASP A 196 -0.60 -33.45 9.55
CA ASP A 196 0.75 -33.52 10.08
C ASP A 196 1.72 -34.06 9.04
N LEU A 197 2.89 -33.43 8.93
CA LEU A 197 3.96 -34.02 8.14
C LEU A 197 4.58 -35.20 8.91
N PRO A 198 5.12 -36.19 8.19
CA PRO A 198 5.88 -37.24 8.86
C PRO A 198 7.06 -36.64 9.61
N GLU A 199 7.29 -37.12 10.83
CA GLU A 199 8.37 -36.56 11.64
C GLU A 199 9.72 -36.66 10.93
N GLY A 200 9.89 -37.66 10.07
CA GLY A 200 11.12 -37.79 9.32
C GLY A 200 11.39 -36.62 8.39
N VAL A 201 10.35 -35.95 7.90
CA VAL A 201 10.55 -34.86 6.95
C VAL A 201 11.34 -33.74 7.61
N PHE A 202 11.06 -33.46 8.89
CA PHE A 202 11.69 -32.34 9.59
C PHE A 202 13.18 -32.53 9.82
N GLU A 203 13.74 -33.71 9.58
CA GLU A 203 15.18 -33.86 9.64
C GLU A 203 15.79 -34.23 8.30
N ASP A 204 15.04 -34.09 7.21
CA ASP A 204 15.63 -34.20 5.88
C ASP A 204 16.57 -33.00 5.66
N PRO A 205 17.78 -33.21 5.17
CA PRO A 205 18.71 -32.06 5.03
C PRO A 205 18.21 -30.99 4.08
N VAL A 206 17.55 -31.37 2.98
CA VAL A 206 17.05 -30.37 2.03
C VAL A 206 15.91 -29.58 2.64
N PHE A 207 14.95 -30.27 3.26
CA PHE A 207 13.84 -29.58 3.91
C PHE A 207 14.32 -28.67 5.03
N MET A 208 15.29 -29.11 5.83
CA MET A 208 15.82 -28.25 6.87
C MET A 208 16.46 -27.00 6.26
N THR A 209 17.09 -27.14 5.09
CA THR A 209 17.70 -25.99 4.44
C THR A 209 16.64 -24.97 4.04
N LEU A 210 15.57 -25.44 3.41
CA LEU A 210 14.47 -24.56 3.04
C LEU A 210 13.85 -23.91 4.27
N TYR A 211 13.60 -24.70 5.30
CA TYR A 211 12.99 -24.19 6.54
C TYR A 211 13.81 -23.04 7.11
N TRP A 212 15.10 -23.25 7.31
CA TRP A 212 15.91 -22.24 7.96
C TRP A 212 16.16 -21.04 7.05
N ALA A 213 16.23 -21.25 5.73
CA ALA A 213 16.43 -20.11 4.83
C ALA A 213 15.23 -19.17 4.87
N ALA A 214 14.01 -19.73 4.87
CA ALA A 214 12.82 -18.88 4.92
C ALA A 214 12.66 -18.23 6.29
N ALA A 215 12.92 -18.98 7.36
CA ALA A 215 12.84 -18.40 8.70
C ALA A 215 13.81 -17.25 8.85
N ASP A 216 15.05 -17.42 8.37
CA ASP A 216 16.06 -16.36 8.48
C ASP A 216 15.71 -15.18 7.57
N MET A 217 15.19 -15.45 6.38
CA MET A 217 14.77 -14.35 5.51
C MET A 217 13.77 -13.47 6.22
N VAL A 218 12.80 -14.09 6.91
CA VAL A 218 11.81 -13.33 7.67
C VAL A 218 12.49 -12.53 8.78
N CYS A 219 13.41 -13.18 9.51
CA CYS A 219 14.07 -12.52 10.63
C CYS A 219 14.90 -11.33 10.16
N TRP A 220 15.72 -11.54 9.15
CA TRP A 220 16.63 -10.48 8.70
C TRP A 220 15.89 -9.34 8.03
N SER A 221 14.81 -9.63 7.30
CA SER A 221 14.06 -8.54 6.68
C SER A 221 13.28 -7.75 7.71
N ASN A 222 12.67 -8.44 8.69
CA ASN A 222 12.04 -7.72 9.78
C ASN A 222 13.03 -6.83 10.52
N ASP A 223 14.26 -7.32 10.75
CA ASP A 223 15.24 -6.53 11.49
C ASP A 223 15.59 -5.22 10.76
N VAL A 224 15.91 -5.30 9.47
CA VAL A 224 16.34 -4.06 8.80
C VAL A 224 15.17 -3.09 8.67
N TYR A 225 13.94 -3.61 8.58
CA TYR A 225 12.76 -2.74 8.48
C TYR A 225 12.44 -2.11 9.83
N SER A 226 12.58 -2.86 10.91
CA SER A 226 12.14 -2.38 12.21
C SER A 226 13.25 -1.66 12.97
N TYR A 227 14.46 -1.61 12.39
CA TYR A 227 15.60 -1.04 13.10
C TYR A 227 15.32 0.38 13.58
N ASN A 228 14.74 1.21 12.70
CA ASN A 228 14.51 2.61 13.04
C ASN A 228 13.62 2.75 14.27
N MET A 229 12.47 2.08 14.27
CA MET A 229 11.56 2.16 15.42
C MET A 229 12.20 1.54 16.66
N GLU A 230 13.02 0.50 16.50
CA GLU A 230 13.59 -0.15 17.66
C GLU A 230 14.70 0.68 18.29
N GLN A 231 15.54 1.33 17.49
CA GLN A 231 16.59 2.16 18.08
C GLN A 231 16.01 3.42 18.71
N ALA A 232 14.90 3.92 18.17
CA ALA A 232 14.25 5.09 18.75
C ALA A 232 13.63 4.80 20.10
N LYS A 233 13.31 3.55 20.41
CA LYS A 233 12.81 3.23 21.74
C LYS A 233 13.81 2.44 22.55
N GLY A 234 15.09 2.47 22.17
CA GLY A 234 16.12 1.78 22.92
C GLY A 234 16.04 0.27 22.85
N HIS A 235 15.49 -0.28 21.77
CA HIS A 235 15.31 -1.72 21.62
C HIS A 235 16.22 -2.32 20.57
N SER A 236 17.27 -1.61 20.17
CA SER A 236 18.04 -2.01 18.99
C SER A 236 18.98 -3.16 19.27
N GLY A 237 19.08 -3.62 20.53
CA GLY A 237 19.99 -4.71 20.84
C GLY A 237 19.59 -6.04 20.24
N ASN A 238 18.29 -6.29 20.07
CA ASN A 238 17.79 -7.53 19.45
C ASN A 238 17.57 -7.33 17.95
N ASN A 239 18.62 -6.93 17.24
CA ASN A 239 18.48 -6.54 15.84
C ASN A 239 19.80 -6.76 15.12
N ILE A 240 19.77 -7.50 14.00
CA ILE A 240 20.98 -7.86 13.27
C ILE A 240 21.75 -6.63 12.81
N VAL A 241 21.05 -5.53 12.55
CA VAL A 241 21.74 -4.31 12.14
C VAL A 241 22.71 -3.86 13.22
N THR A 242 22.22 -3.79 14.48
CA THR A 242 23.10 -3.43 15.59
C THR A 242 24.23 -4.42 15.76
N VAL A 243 23.93 -5.72 15.68
CA VAL A 243 24.95 -6.75 15.83
C VAL A 243 26.04 -6.59 14.78
N LEU A 244 25.65 -6.30 13.53
CA LEU A 244 26.63 -6.16 12.46
C LEU A 244 27.51 -4.94 12.66
N MET A 245 26.92 -3.79 12.97
CA MET A 245 27.71 -2.59 13.22
C MET A 245 28.74 -2.84 14.31
N ARG A 246 28.30 -3.41 15.42
CA ARG A 246 29.20 -3.68 16.54
C ARG A 246 30.33 -4.63 16.15
N GLN A 247 29.98 -5.79 15.60
CA GLN A 247 30.97 -6.85 15.49
C GLN A 247 31.80 -6.78 14.21
N LYS A 248 31.26 -6.23 13.13
CA LYS A 248 32.03 -6.00 11.93
C LYS A 248 32.58 -4.58 11.84
N ASN A 249 32.26 -3.72 12.81
CA ASN A 249 32.74 -2.34 12.86
C ASN A 249 32.42 -1.59 11.57
N VAL A 250 31.17 -1.71 11.12
CA VAL A 250 30.73 -1.05 9.89
C VAL A 250 29.70 0.01 10.24
N ASP A 251 29.45 0.92 9.30
CA ASP A 251 28.46 1.95 9.53
C ASP A 251 27.07 1.41 9.16
N LEU A 252 26.06 2.26 9.29
CA LEU A 252 24.67 1.80 9.16
C LEU A 252 24.34 1.40 7.72
N GLN A 253 24.72 2.22 6.74
CA GLN A 253 24.42 1.89 5.36
C GLN A 253 25.06 0.58 4.96
N THR A 254 26.30 0.35 5.42
CA THR A 254 26.97 -0.92 5.13
C THR A 254 26.25 -2.10 5.78
N ALA A 255 25.83 -1.97 7.03
CA ALA A 255 25.05 -3.03 7.66
C ALA A 255 23.76 -3.30 6.89
N SER A 256 23.10 -2.22 6.45
CA SER A 256 21.94 -2.35 5.57
C SER A 256 22.30 -3.11 4.30
N ASP A 257 23.38 -2.69 3.64
CA ASP A 257 23.88 -3.43 2.48
C ASP A 257 24.16 -4.90 2.79
N LEU A 258 24.72 -5.19 3.96
CA LEU A 258 25.01 -6.58 4.31
C LEU A 258 23.74 -7.39 4.55
N VAL A 259 22.69 -6.76 5.10
CA VAL A 259 21.40 -7.44 5.19
C VAL A 259 20.92 -7.86 3.80
N GLY A 260 21.03 -6.95 2.84
CA GLY A 260 20.59 -7.27 1.49
C GLY A 260 21.38 -8.37 0.84
N GLU A 261 22.70 -8.39 1.07
CA GLU A 261 23.52 -9.48 0.54
C GLU A 261 23.13 -10.80 1.18
N HIS A 262 22.95 -10.82 2.50
CA HIS A 262 22.53 -12.04 3.15
C HIS A 262 21.15 -12.49 2.69
N PHE A 263 20.19 -11.57 2.57
CA PHE A 263 18.88 -11.95 2.07
C PHE A 263 18.99 -12.59 0.70
N ALA A 264 19.79 -12.00 -0.21
CA ALA A 264 19.91 -12.58 -1.54
C ALA A 264 20.54 -13.97 -1.48
N THR A 265 21.53 -14.15 -0.61
CA THR A 265 22.13 -15.47 -0.42
C THR A 265 21.10 -16.49 0.05
N LEU A 266 20.30 -16.12 1.05
CA LEU A 266 19.27 -17.04 1.56
C LEU A 266 18.23 -17.37 0.50
N MET A 267 17.80 -16.37 -0.26
CA MET A 267 16.82 -16.60 -1.31
C MET A 267 17.37 -17.53 -2.39
N ASP A 268 18.61 -17.29 -2.82
CA ASP A 268 19.27 -18.19 -3.77
C ASP A 268 19.34 -19.61 -3.23
N ARG A 269 19.74 -19.75 -1.96
CA ARG A 269 19.83 -21.08 -1.39
C ARG A 269 18.44 -21.74 -1.36
N PHE A 270 17.41 -20.97 -1.02
CA PHE A 270 16.06 -21.53 -0.99
C PHE A 270 15.61 -21.99 -2.36
N VAL A 271 15.81 -21.15 -3.39
CA VAL A 271 15.27 -21.50 -4.70
C VAL A 271 16.05 -22.66 -5.31
N THR A 272 17.38 -22.68 -5.14
CA THR A 272 18.15 -23.78 -5.71
C THR A 272 17.93 -25.07 -4.94
N ALA A 273 17.70 -24.98 -3.62
CA ALA A 273 17.50 -26.20 -2.84
C ALA A 273 16.16 -26.86 -3.13
N LYS A 274 15.17 -26.07 -3.53
CA LYS A 274 13.82 -26.59 -3.76
C LYS A 274 13.82 -27.84 -4.64
N GLY A 275 14.64 -27.84 -5.69
CA GLY A 275 14.64 -28.96 -6.62
C GLY A 275 15.19 -30.25 -6.04
N GLY A 276 16.10 -30.16 -5.08
CA GLY A 276 16.70 -31.35 -4.50
C GLY A 276 15.84 -32.10 -3.51
N LEU A 277 14.58 -31.68 -3.33
CA LEU A 277 13.71 -32.30 -2.34
C LEU A 277 13.48 -33.77 -2.67
N PRO A 278 13.60 -34.66 -1.69
CA PRO A 278 13.30 -36.08 -1.96
C PRO A 278 11.83 -36.27 -2.24
N SER A 279 11.52 -37.47 -2.73
CA SER A 279 10.15 -37.94 -2.92
C SER A 279 9.94 -39.14 -2.01
N TRP A 280 8.88 -39.11 -1.22
CA TRP A 280 8.58 -40.16 -0.25
C TRP A 280 7.33 -40.95 -0.60
N SER A 281 6.28 -40.28 -1.07
CA SER A 281 5.05 -40.91 -1.52
C SER A 281 4.16 -39.81 -2.11
N PRO A 282 3.19 -40.15 -2.96
CA PRO A 282 2.33 -39.09 -3.53
C PRO A 282 1.66 -38.21 -2.49
N SER A 283 1.13 -38.80 -1.41
CA SER A 283 0.40 -38.01 -0.43
C SER A 283 1.34 -37.19 0.45
N VAL A 284 2.46 -37.78 0.87
CA VAL A 284 3.44 -37.02 1.65
C VAL A 284 4.02 -35.89 0.81
N ASP A 285 4.36 -36.19 -0.45
CA ASP A 285 4.94 -35.18 -1.34
C ASP A 285 4.00 -34.00 -1.53
N ALA A 286 2.70 -34.28 -1.73
CA ALA A 286 1.75 -33.19 -1.87
C ALA A 286 1.71 -32.33 -0.61
N ALA A 287 1.76 -32.97 0.56
CA ALA A 287 1.71 -32.19 1.79
C ALA A 287 2.99 -31.41 2.00
N VAL A 288 4.14 -32.03 1.74
CA VAL A 288 5.40 -31.32 1.83
C VAL A 288 5.41 -30.12 0.90
N SER A 289 4.91 -30.30 -0.33
CA SER A 289 4.93 -29.21 -1.30
C SER A 289 4.12 -28.02 -0.80
N ASP A 290 2.92 -28.28 -0.25
CA ASP A 290 2.11 -27.20 0.31
C ASP A 290 2.83 -26.51 1.46
N TYR A 291 3.57 -27.27 2.27
CA TYR A 291 4.35 -26.65 3.35
C TYR A 291 5.42 -25.75 2.78
N VAL A 292 6.06 -26.17 1.68
CA VAL A 292 7.14 -25.35 1.12
C VAL A 292 6.56 -24.09 0.49
N ARG A 293 5.41 -24.21 -0.18
CA ARG A 293 4.72 -23.02 -0.68
C ARG A 293 4.29 -22.09 0.45
N ALA A 294 3.89 -22.66 1.60
CA ALA A 294 3.54 -21.84 2.75
C ALA A 294 4.73 -21.06 3.29
N MET A 295 5.96 -21.60 3.20
CA MET A 295 7.11 -20.78 3.59
C MET A 295 7.32 -19.64 2.61
N GLU A 296 7.13 -19.89 1.32
CA GLU A 296 7.28 -18.83 0.31
C GLU A 296 6.28 -17.71 0.56
N TYR A 297 5.01 -18.06 0.85
CA TYR A 297 4.03 -17.04 1.16
C TYR A 297 4.41 -16.23 2.39
N TRP A 298 5.05 -16.86 3.39
CA TRP A 298 5.49 -16.11 4.56
C TRP A 298 6.61 -15.14 4.21
N VAL A 299 7.60 -15.57 3.43
CA VAL A 299 8.68 -14.66 3.08
C VAL A 299 8.14 -13.47 2.29
N THR A 300 7.34 -13.75 1.25
CA THR A 300 6.81 -12.67 0.41
C THR A 300 5.79 -11.84 1.18
N GLY A 301 4.92 -12.48 1.94
CA GLY A 301 3.88 -11.74 2.63
C GLY A 301 4.43 -10.83 3.71
N ASN A 302 5.48 -11.28 4.40
CA ASN A 302 6.08 -10.42 5.42
C ASN A 302 6.65 -9.16 4.80
N LEU A 303 7.29 -9.29 3.64
CA LEU A 303 7.83 -8.13 2.93
C LEU A 303 6.72 -7.17 2.54
N GLU A 304 5.66 -7.67 1.91
CA GLU A 304 4.58 -6.80 1.41
C GLU A 304 3.88 -6.08 2.55
N TRP A 305 3.55 -6.83 3.61
CA TRP A 305 2.88 -6.23 4.75
C TRP A 305 3.71 -5.11 5.36
N SER A 306 5.04 -5.29 5.41
CA SER A 306 5.91 -4.30 6.05
C SER A 306 5.71 -2.91 5.47
N PHE A 307 5.34 -2.82 4.19
CA PHE A 307 5.10 -1.54 3.54
C PHE A 307 3.63 -1.17 3.49
N GLU A 308 2.76 -2.05 3.98
CA GLU A 308 1.35 -1.70 4.15
C GLU A 308 1.03 -1.25 5.57
N THR A 309 1.72 -1.80 6.56
CA THR A 309 1.53 -1.33 7.93
C THR A 309 2.23 0.02 8.14
N GLN A 310 1.82 0.72 9.20
CA GLN A 310 2.50 1.92 9.67
C GLN A 310 3.56 1.62 10.73
N ARG A 311 3.69 0.35 11.13
CA ARG A 311 4.48 -0.03 12.30
C ARG A 311 5.95 0.37 12.15
N TYR A 312 6.56 0.11 11.01
CA TYR A 312 7.99 0.38 10.83
C TYR A 312 8.31 1.73 10.19
N PHE A 313 7.47 2.22 9.29
CA PHE A 313 7.83 3.38 8.48
C PHE A 313 6.95 4.59 8.71
N GLY A 314 5.95 4.50 9.59
CA GLY A 314 5.08 5.62 9.86
C GLY A 314 4.04 5.82 8.77
N VAL A 315 3.43 7.00 8.78
CA VAL A 315 2.26 7.22 7.94
C VAL A 315 2.61 7.30 6.47
N MET A 316 3.87 7.58 6.12
CA MET A 316 4.27 7.63 4.72
C MET A 316 4.82 6.30 4.22
N HIS A 317 4.44 5.19 4.85
CA HIS A 317 4.98 3.87 4.52
C HIS A 317 4.83 3.54 3.03
N ALA A 318 3.74 3.98 2.40
CA ALA A 318 3.54 3.67 0.98
C ALA A 318 4.61 4.31 0.10
N GLU A 319 5.06 5.51 0.46
CA GLU A 319 6.12 6.15 -0.31
C GLU A 319 7.45 5.46 -0.09
N ILE A 320 7.69 5.01 1.15
CA ILE A 320 8.96 4.37 1.51
C ILE A 320 9.14 3.08 0.73
N LYS A 321 8.03 2.42 0.35
CA LYS A 321 8.13 1.24 -0.48
C LYS A 321 8.95 1.49 -1.72
N TYR A 322 8.87 2.70 -2.27
CA TYR A 322 9.50 3.05 -3.53
C TYR A 322 10.80 3.82 -3.35
N THR A 323 10.94 4.63 -2.29
CA THR A 323 12.18 5.36 -2.08
C THR A 323 13.16 4.60 -1.20
N ARG A 324 12.65 3.74 -0.31
CA ARG A 324 13.47 2.98 0.65
C ARG A 324 14.35 3.88 1.51
N LEU A 325 14.00 5.15 1.64
CA LEU A 325 14.81 6.12 2.37
C LEU A 325 14.30 6.26 3.79
N ILE A 326 15.15 5.97 4.75
CA ILE A 326 14.78 5.97 6.17
C ILE A 326 15.51 7.12 6.84
N SER A 327 14.75 8.01 7.47
CA SER A 327 15.29 9.04 8.35
C SER A 327 15.15 8.58 9.79
N LEU A 328 16.28 8.57 10.51
CA LEU A 328 16.31 8.01 11.86
C LEU A 328 15.46 8.85 12.81
N ARG A 329 14.61 8.17 13.59
CA ARG A 329 13.71 8.81 14.54
C ARG A 329 14.46 9.19 15.81
N GLU A 330 14.13 10.35 16.35
CA GLU A 330 14.69 10.73 17.64
C GLU A 330 14.15 9.80 18.74
N ARG A 331 14.89 9.73 19.85
CA ARG A 331 14.45 8.99 21.03
C ARG A 331 12.99 9.32 21.39
N LYS B 6 -24.46 5.04 8.04
CA LYS B 6 -23.32 5.92 7.82
C LYS B 6 -22.07 5.10 7.47
N GLN B 7 -22.29 3.97 6.80
CA GLN B 7 -21.19 3.20 6.24
C GLN B 7 -21.71 2.51 4.97
N PHE B 8 -20.81 2.36 4.01
CA PHE B 8 -21.14 1.70 2.75
C PHE B 8 -19.88 1.02 2.24
N THR B 9 -20.04 0.14 1.27
CA THR B 9 -18.92 -0.59 0.71
C THR B 9 -18.64 -0.14 -0.72
N LEU B 10 -17.35 0.02 -1.03
CA LEU B 10 -16.94 0.42 -2.36
C LEU B 10 -17.15 -0.71 -3.35
N PRO B 11 -17.41 -0.39 -4.61
CA PRO B 11 -17.36 -1.43 -5.64
C PRO B 11 -15.93 -1.93 -5.78
N ASP B 12 -15.79 -3.19 -6.18
CA ASP B 12 -14.47 -3.81 -6.25
C ASP B 12 -13.87 -3.51 -7.63
N LEU B 13 -13.42 -2.25 -7.79
CA LEU B 13 -12.97 -1.82 -9.11
C LEU B 13 -11.67 -2.48 -9.51
N LEU B 14 -10.79 -2.76 -8.54
CA LEU B 14 -9.54 -3.43 -8.89
C LEU B 14 -9.78 -4.81 -9.46
N ALA B 15 -10.81 -5.51 -8.95
CA ALA B 15 -11.16 -6.82 -9.50
C ALA B 15 -11.66 -6.71 -10.93
N MET B 16 -12.21 -5.55 -11.32
CA MET B 16 -12.70 -5.37 -12.68
C MET B 16 -11.62 -4.93 -13.64
N CYS B 17 -10.40 -4.67 -13.16
CA CYS B 17 -9.32 -4.16 -14.00
C CYS B 17 -8.44 -5.29 -14.49
N PRO B 18 -8.36 -5.56 -15.78
CA PRO B 18 -7.47 -6.60 -16.28
C PRO B 18 -6.05 -6.14 -16.58
N PHE B 19 -5.74 -4.86 -16.44
CA PHE B 19 -4.42 -4.34 -16.79
C PHE B 19 -3.47 -4.47 -15.60
N THR B 20 -2.18 -4.60 -15.92
CA THR B 20 -1.15 -4.73 -14.90
C THR B 20 -0.49 -3.38 -14.74
N GLY B 21 -0.57 -2.84 -13.52
CA GLY B 21 0.00 -1.54 -13.27
C GLY B 21 1.51 -1.59 -13.16
N SER B 22 2.12 -0.41 -13.12
CA SER B 22 3.54 -0.28 -12.90
C SER B 22 3.78 1.03 -12.20
N THR B 23 5.04 1.26 -11.82
CA THR B 23 5.45 2.52 -11.22
C THR B 23 6.71 2.99 -11.94
N ASN B 24 7.04 4.26 -11.75
CA ASN B 24 8.14 4.80 -12.52
C ASN B 24 9.44 4.67 -11.73
N PRO B 25 10.51 4.15 -12.34
CA PRO B 25 11.77 4.01 -11.60
C PRO B 25 12.41 5.33 -11.18
N HIS B 26 12.05 6.45 -11.80
CA HIS B 26 12.61 7.75 -11.41
C HIS B 26 11.83 8.40 -10.28
N TYR B 27 10.92 7.68 -9.62
CA TYR B 27 10.04 8.30 -8.65
C TYR B 27 10.82 8.98 -7.53
N ALA B 28 11.79 8.30 -6.94
CA ALA B 28 12.44 8.83 -5.73
C ALA B 28 13.11 10.17 -6.02
N LYS B 29 13.89 10.24 -7.09
CA LYS B 29 14.61 11.48 -7.42
C LYS B 29 13.66 12.56 -7.92
N ALA B 30 12.81 12.22 -8.89
CA ALA B 30 11.96 13.23 -9.52
C ALA B 30 10.89 13.75 -8.57
N ALA B 31 10.38 12.89 -7.67
CA ALA B 31 9.36 13.34 -6.74
C ALA B 31 9.94 14.27 -5.70
N ALA B 32 11.20 14.04 -5.30
CA ALA B 32 11.83 14.95 -4.35
C ALA B 32 12.04 16.32 -4.99
N GLU B 33 12.42 16.35 -6.28
CA GLU B 33 12.58 17.62 -6.99
C GLU B 33 11.26 18.35 -7.16
N SER B 34 10.24 17.61 -7.59
CA SER B 34 8.93 18.21 -7.82
C SER B 34 8.33 18.72 -6.53
N SER B 35 8.43 17.95 -5.46
CA SER B 35 7.96 18.40 -4.15
C SER B 35 8.70 19.65 -3.70
N ALA B 36 10.02 19.70 -3.94
CA ALA B 36 10.77 20.89 -3.54
C ALA B 36 10.42 22.08 -4.43
N TRP B 37 10.07 21.83 -5.68
CA TRP B 37 9.63 22.90 -6.57
C TRP B 37 8.29 23.50 -6.10
N VAL B 38 7.27 22.67 -5.87
CA VAL B 38 5.95 23.21 -5.56
C VAL B 38 5.94 23.86 -4.17
N ASN B 39 6.69 23.31 -3.24
CA ASN B 39 6.77 23.89 -1.91
C ASN B 39 7.69 25.10 -1.85
N SER B 40 8.38 25.41 -2.94
CA SER B 40 9.04 26.71 -2.99
C SER B 40 8.04 27.85 -3.09
N TYR B 41 6.75 27.54 -3.06
CA TYR B 41 5.69 28.51 -3.28
C TYR B 41 4.81 28.65 -2.05
N ASN B 42 4.34 29.88 -1.84
CA ASN B 42 3.55 30.26 -0.68
C ASN B 42 2.13 30.53 -1.17
N ILE B 43 1.33 29.48 -1.27
CA ILE B 43 0.01 29.63 -1.88
C ILE B 43 -1.08 29.07 -0.99
N LEU B 44 -0.83 27.92 -0.38
CA LEU B 44 -1.85 27.20 0.36
C LEU B 44 -1.86 27.61 1.81
N SER B 45 -3.06 27.63 2.41
CA SER B 45 -3.18 27.76 3.84
C SER B 45 -2.55 26.57 4.53
N ASP B 46 -2.15 26.76 5.78
CA ASP B 46 -1.40 25.71 6.47
C ASP B 46 -2.24 24.48 6.76
N ARG B 47 -3.57 24.63 6.83
CA ARG B 47 -4.42 23.45 6.97
C ARG B 47 -4.35 22.62 5.69
N LYS B 48 -4.65 23.23 4.55
CA LYS B 48 -4.58 22.53 3.27
C LYS B 48 -3.16 22.03 2.99
N ARG B 49 -2.14 22.82 3.32
CA ARG B 49 -0.78 22.39 3.01
C ARG B 49 -0.41 21.15 3.80
N ALA B 50 -0.91 21.03 5.02
CA ALA B 50 -0.69 19.81 5.79
C ALA B 50 -1.21 18.59 5.05
N PHE B 51 -2.40 18.71 4.42
CA PHE B 51 -2.94 17.59 3.66
C PHE B 51 -2.19 17.39 2.35
N PHE B 52 -1.91 18.49 1.65
CA PHE B 52 -1.19 18.44 0.37
C PHE B 52 0.08 17.62 0.49
N VAL B 53 0.93 17.94 1.46
CA VAL B 53 2.24 17.32 1.58
C VAL B 53 2.17 15.87 2.05
N THR B 54 0.99 15.42 2.49
CA THR B 54 0.75 14.05 2.93
C THR B 54 -0.10 13.28 1.93
N GLY B 55 -0.41 13.88 0.78
CA GLY B 55 -1.25 13.27 -0.24
C GLY B 55 -0.55 12.41 -1.27
N SER B 56 0.78 12.40 -1.28
CA SER B 56 1.56 11.62 -2.24
C SER B 56 1.13 11.94 -3.68
N ASN B 57 1.09 13.24 -4.00
CA ASN B 57 0.71 13.65 -5.35
C ASN B 57 1.60 13.00 -6.40
N GLU B 58 2.91 12.97 -6.16
CA GLU B 58 3.84 12.47 -7.15
C GLU B 58 3.70 10.96 -7.31
N LEU B 59 3.26 10.28 -6.25
CA LEU B 59 3.03 8.85 -6.36
C LEU B 59 1.92 8.55 -7.36
N LEU B 60 0.90 9.42 -7.44
CA LEU B 60 -0.10 9.27 -8.50
C LEU B 60 0.54 9.29 -9.88
N VAL B 61 1.48 10.23 -10.09
CA VAL B 61 2.16 10.33 -11.39
C VAL B 61 3.01 9.09 -11.65
N SER B 62 3.66 8.55 -10.62
CA SER B 62 4.49 7.37 -10.84
C SER B 62 3.64 6.19 -11.31
N HIS B 63 2.46 6.01 -10.71
CA HIS B 63 1.57 4.92 -11.10
C HIS B 63 0.95 5.14 -12.48
N THR B 64 0.66 6.38 -12.85
CA THR B 64 -0.07 6.62 -14.11
C THR B 64 0.84 6.87 -15.30
N TYR B 65 2.06 7.37 -15.09
CA TYR B 65 3.06 7.51 -16.16
C TYR B 65 4.33 6.71 -15.80
N PRO B 66 4.22 5.40 -15.61
CA PRO B 66 5.38 4.62 -15.18
C PRO B 66 6.43 4.45 -16.27
N TYR B 67 6.08 4.71 -17.52
CA TYR B 67 6.94 4.53 -18.68
C TYR B 67 7.74 5.79 -19.02
N ALA B 68 7.48 6.91 -18.34
CA ALA B 68 8.06 8.18 -18.74
C ALA B 68 9.55 8.25 -18.41
N GLY B 69 10.32 8.83 -19.33
CA GLY B 69 11.71 9.13 -19.06
C GLY B 69 11.82 10.24 -18.02
N TYR B 70 13.04 10.43 -17.52
CA TYR B 70 13.21 11.30 -16.35
C TYR B 70 12.69 12.71 -16.59
N GLU B 71 13.13 13.35 -17.68
CA GLU B 71 12.72 14.73 -17.93
C GLU B 71 11.21 14.85 -18.01
N GLN B 72 10.58 13.99 -18.81
CA GLN B 72 9.13 14.04 -18.96
C GLN B 72 8.42 13.69 -17.66
N PHE B 73 8.95 12.72 -16.90
CA PHE B 73 8.30 12.34 -15.65
C PHE B 73 8.32 13.48 -14.66
N ARG B 74 9.44 14.18 -14.56
CA ARG B 74 9.51 15.29 -13.62
C ARG B 74 8.52 16.37 -14.03
N THR B 75 8.39 16.59 -15.34
CA THR B 75 7.41 17.56 -15.81
C THR B 75 5.99 17.14 -15.43
N CYS B 76 5.69 15.84 -15.50
CA CYS B 76 4.35 15.39 -15.13
C CYS B 76 4.11 15.54 -13.63
N CYS B 77 5.14 15.29 -12.82
CA CYS B 77 5.02 15.54 -11.38
C CYS B 77 4.72 17.00 -11.10
N ASP B 78 5.46 17.91 -11.75
CA ASP B 78 5.21 19.34 -11.55
C ASP B 78 3.78 19.71 -11.97
N PHE B 79 3.31 19.16 -13.08
CA PHE B 79 1.96 19.49 -13.55
C PHE B 79 0.90 19.03 -12.57
N VAL B 80 1.01 17.81 -12.07
CA VAL B 80 -0.04 17.29 -11.19
C VAL B 80 0.02 18.01 -9.85
N ASN B 81 1.21 18.38 -9.40
CA ASN B 81 1.33 19.24 -8.22
C ASN B 81 0.65 20.58 -8.44
N LEU B 82 0.85 21.18 -9.63
CA LEU B 82 0.18 22.43 -9.98
C LEU B 82 -1.33 22.25 -10.00
N LEU B 83 -1.83 21.16 -10.59
CA LEU B 83 -3.27 20.92 -10.62
C LEU B 83 -3.84 20.77 -9.20
N PHE B 84 -3.13 20.05 -8.33
CA PHE B 84 -3.61 19.93 -6.95
C PHE B 84 -3.59 21.28 -6.25
N VAL B 85 -2.64 22.16 -6.58
CA VAL B 85 -2.67 23.50 -6.02
C VAL B 85 -3.91 24.23 -6.50
N VAL B 86 -4.18 24.17 -7.81
CA VAL B 86 -5.33 24.88 -8.34
C VAL B 86 -6.62 24.31 -7.78
N ASP B 87 -6.69 22.97 -7.67
CA ASP B 87 -7.85 22.31 -7.10
C ASP B 87 -8.12 22.77 -5.67
N GLU B 88 -7.07 22.79 -4.83
CA GLU B 88 -7.28 23.08 -3.41
C GLU B 88 -7.51 24.56 -3.15
N VAL B 89 -6.87 25.44 -3.92
CA VAL B 89 -7.15 26.87 -3.77
C VAL B 89 -8.60 27.15 -4.15
N SER B 90 -9.03 26.61 -5.30
CA SER B 90 -10.37 26.91 -5.79
C SER B 90 -11.45 26.19 -4.98
N ASP B 91 -11.12 25.11 -4.28
CA ASP B 91 -12.11 24.44 -3.44
C ASP B 91 -12.56 25.30 -2.27
N ASP B 92 -11.73 26.24 -1.82
CA ASP B 92 -12.11 27.12 -0.72
C ASP B 92 -12.47 28.52 -1.21
N GLN B 93 -12.86 28.65 -2.46
CA GLN B 93 -13.16 29.94 -3.05
C GLN B 93 -14.58 29.96 -3.56
N ASN B 94 -15.20 31.14 -3.51
CA ASN B 94 -16.48 31.35 -4.15
C ASN B 94 -16.30 31.40 -5.66
N GLY B 95 -17.41 31.59 -6.36
CA GLY B 95 -17.41 31.46 -7.81
C GLY B 95 -16.49 32.45 -8.50
N GLN B 96 -16.55 33.72 -8.09
CA GLN B 96 -15.72 34.72 -8.75
C GLN B 96 -14.25 34.50 -8.47
N ASP B 97 -13.90 34.15 -7.22
CA ASP B 97 -12.49 33.97 -6.90
C ASP B 97 -11.93 32.71 -7.58
N ALA B 98 -12.75 31.66 -7.67
CA ALA B 98 -12.30 30.46 -8.36
C ALA B 98 -12.04 30.74 -9.83
N ARG B 99 -12.92 31.53 -10.46
CA ARG B 99 -12.70 31.81 -11.88
C ARG B 99 -11.47 32.67 -12.08
N GLN B 100 -11.22 33.61 -11.16
CA GLN B 100 -9.97 34.37 -11.22
C GLN B 100 -8.76 33.44 -11.11
N THR B 101 -8.83 32.47 -10.20
CA THR B 101 -7.71 31.55 -10.01
C THR B 101 -7.41 30.76 -11.27
N GLY B 102 -8.44 30.21 -11.90
CA GLY B 102 -8.22 29.51 -13.15
C GLY B 102 -7.75 30.41 -14.27
N ASN B 103 -8.20 31.65 -14.29
CA ASN B 103 -7.78 32.54 -15.38
C ASN B 103 -6.32 32.96 -15.23
N VAL B 104 -5.79 32.96 -14.00
CA VAL B 104 -4.35 33.12 -13.84
C VAL B 104 -3.63 31.95 -14.49
N TYR B 105 -4.08 30.73 -14.22
CA TYR B 105 -3.42 29.57 -14.81
C TYR B 105 -3.55 29.59 -16.32
N LEU B 106 -4.76 29.85 -16.81
CA LEU B 106 -4.99 29.85 -18.26
C LEU B 106 -4.17 30.92 -18.96
N ASN B 107 -4.13 32.14 -18.40
CA ASN B 107 -3.45 33.23 -19.09
C ASN B 107 -1.94 33.02 -19.07
N ALA B 108 -1.41 32.51 -17.96
CA ALA B 108 0.02 32.24 -17.89
C ALA B 108 0.43 31.10 -18.81
N MET B 109 -0.49 30.16 -19.10
CA MET B 109 -0.22 29.12 -20.08
C MET B 109 -0.29 29.65 -21.51
N ARG B 110 -1.28 30.50 -21.79
CA ARG B 110 -1.58 30.92 -23.16
C ARG B 110 -0.58 31.96 -23.65
N ASP B 111 -0.31 32.97 -22.84
CA ASP B 111 0.40 34.16 -23.32
C ASP B 111 1.74 34.31 -22.63
N PRO B 112 2.85 34.12 -23.33
CA PRO B 112 4.17 34.27 -22.67
C PRO B 112 4.40 35.64 -22.08
N ALA B 113 3.70 36.67 -22.54
CA ALA B 113 3.88 38.02 -22.01
C ALA B 113 2.98 38.33 -20.83
N TRP B 114 1.94 37.53 -20.58
CA TRP B 114 1.02 37.79 -19.48
C TRP B 114 1.66 37.42 -18.16
N ASP B 115 1.44 38.25 -17.15
CA ASP B 115 1.93 37.99 -15.80
C ASP B 115 1.33 39.02 -14.86
N ASP B 116 0.62 38.56 -13.83
CA ASP B 116 -0.01 39.45 -12.87
C ASP B 116 0.78 39.53 -11.56
N GLY B 117 1.96 38.92 -11.52
CA GLY B 117 2.83 39.02 -10.36
C GLY B 117 2.60 37.98 -9.29
N SER B 118 1.57 37.15 -9.42
CA SER B 118 1.23 36.25 -8.34
C SER B 118 2.10 35.00 -8.36
N ALA B 119 2.07 34.26 -7.25
CA ALA B 119 2.82 33.01 -7.16
C ALA B 119 2.28 31.98 -8.14
N LEU B 120 0.96 31.84 -8.22
CA LEU B 120 0.37 30.88 -9.15
C LEU B 120 0.84 31.15 -10.58
N ALA B 121 0.96 32.42 -10.95
CA ALA B 121 1.36 32.75 -12.30
C ALA B 121 2.80 32.32 -12.58
N LYS B 122 3.71 32.59 -11.64
CA LYS B 122 5.09 32.17 -11.81
C LYS B 122 5.20 30.65 -11.81
N MET B 123 4.43 29.97 -10.96
CA MET B 123 4.42 28.51 -10.94
C MET B 123 3.99 27.94 -12.29
N THR B 124 2.91 28.50 -12.85
CA THR B 124 2.43 28.04 -14.15
C THR B 124 3.47 28.27 -15.23
N LYS B 125 4.13 29.43 -15.20
CA LYS B 125 5.14 29.76 -16.20
C LYS B 125 6.31 28.79 -16.14
N GLU B 126 6.71 28.37 -14.95
CA GLU B 126 7.80 27.42 -14.83
C GLU B 126 7.41 26.08 -15.41
N PHE B 127 6.20 25.59 -15.09
CA PHE B 127 5.75 24.36 -15.74
C PHE B 127 5.67 24.52 -17.25
N ARG B 128 5.11 25.64 -17.71
CA ARG B 128 5.00 25.89 -19.15
C ARG B 128 6.36 25.83 -19.83
N ALA B 129 7.38 26.44 -19.21
CA ALA B 129 8.72 26.37 -19.76
C ALA B 129 9.21 24.94 -19.89
N ARG B 130 8.87 24.07 -18.91
CA ARG B 130 9.25 22.66 -19.04
C ARG B 130 8.50 21.99 -20.19
N LEU B 131 7.17 22.14 -20.22
CA LEU B 131 6.36 21.49 -21.24
C LEU B 131 6.80 21.89 -22.65
N LEU B 132 7.03 23.19 -22.86
CA LEU B 132 7.32 23.71 -24.19
C LEU B 132 8.73 23.42 -24.66
N ARG B 133 9.57 22.81 -23.83
CA ARG B 133 10.85 22.33 -24.33
C ARG B 133 10.66 21.33 -25.45
N TYR B 134 9.60 20.50 -25.37
CA TYR B 134 9.42 19.39 -26.29
C TYR B 134 8.03 19.25 -26.89
N ALA B 135 6.99 19.85 -26.30
CA ALA B 135 5.65 19.60 -26.79
C ALA B 135 5.55 19.99 -28.26
N GLY B 136 4.93 19.12 -29.06
CA GLY B 136 4.71 19.41 -30.46
C GLY B 136 3.56 20.36 -30.67
N PRO B 137 3.41 20.82 -31.91
CA PRO B 137 2.33 21.79 -32.19
C PRO B 137 0.94 21.21 -32.00
N GLY B 138 0.71 19.97 -32.43
CA GLY B 138 -0.56 19.36 -32.18
C GLY B 138 -0.84 19.24 -30.70
N CYS B 139 0.10 18.66 -29.96
CA CYS B 139 -0.06 18.49 -28.52
C CYS B 139 -0.34 19.83 -27.82
N TYR B 140 0.44 20.85 -28.15
CA TYR B 140 0.30 22.14 -27.48
C TYR B 140 -1.05 22.77 -27.78
N ARG B 141 -1.45 22.77 -29.06
CA ARG B 141 -2.72 23.37 -29.43
C ARG B 141 -3.87 22.72 -28.68
N ARG B 142 -3.87 21.38 -28.60
CA ARG B 142 -4.92 20.69 -27.87
C ARG B 142 -4.83 20.97 -26.38
N PHE B 143 -3.61 21.12 -25.85
CA PHE B 143 -3.46 21.33 -24.41
C PHE B 143 -4.09 22.65 -23.97
N LEU B 144 -3.90 23.70 -24.77
CA LEU B 144 -4.48 25.00 -24.43
C LEU B 144 -6.00 24.96 -24.50
N LYS B 145 -6.57 24.23 -25.45
CA LYS B 145 -8.02 24.07 -25.46
C LYS B 145 -8.49 23.31 -24.23
N HIS B 146 -7.76 22.27 -23.84
CA HIS B 146 -8.10 21.58 -22.60
C HIS B 146 -7.95 22.50 -21.39
N CYS B 147 -6.96 23.40 -21.42
CA CYS B 147 -6.81 24.36 -20.32
C CYS B 147 -8.04 25.26 -20.22
N GLU B 148 -8.52 25.75 -21.37
CA GLU B 148 -9.68 26.63 -21.36
C GLU B 148 -10.91 25.91 -20.84
N ASP B 149 -11.14 24.67 -21.28
CA ASP B 149 -12.29 23.91 -20.82
C ASP B 149 -12.15 23.56 -19.35
N TYR B 150 -10.93 23.25 -18.90
CA TYR B 150 -10.70 22.91 -17.50
C TYR B 150 -11.04 24.08 -16.60
N VAL B 151 -10.55 25.27 -16.94
CA VAL B 151 -10.75 26.44 -16.10
C VAL B 151 -12.23 26.80 -16.04
N ASP B 152 -12.92 26.73 -17.19
CA ASP B 152 -14.34 27.03 -17.19
C ASP B 152 -15.12 26.04 -16.30
N ALA B 153 -14.73 24.76 -16.31
CA ALA B 153 -15.49 23.77 -15.54
C ALA B 153 -15.16 23.85 -14.04
N VAL B 154 -13.91 24.16 -13.69
CA VAL B 154 -13.58 24.38 -12.28
C VAL B 154 -14.33 25.58 -11.73
N ALA B 155 -14.43 26.66 -12.53
CA ALA B 155 -15.16 27.83 -12.06
C ALA B 155 -16.65 27.55 -11.96
N ARG B 156 -17.22 26.83 -12.94
CA ARG B 156 -18.63 26.45 -12.85
C ARG B 156 -18.86 25.52 -11.66
N GLU B 157 -17.93 24.59 -11.40
CA GLU B 157 -18.06 23.73 -10.22
C GLU B 157 -18.15 24.56 -8.95
N ALA B 158 -17.32 25.60 -8.84
CA ALA B 158 -17.33 26.44 -7.65
C ALA B 158 -18.60 27.27 -7.54
N GLU B 159 -19.06 27.83 -8.67
CA GLU B 159 -20.33 28.56 -8.66
C GLU B 159 -21.48 27.66 -8.21
N TYR B 160 -21.52 26.43 -8.72
CA TYR B 160 -22.62 25.53 -8.36
C TYR B 160 -22.49 25.09 -6.91
N ARG B 161 -21.25 24.88 -6.46
CA ARG B 161 -21.01 24.48 -5.07
C ARG B 161 -21.49 25.53 -4.10
N GLU B 162 -21.23 26.81 -4.38
CA GLU B 162 -21.62 27.83 -3.40
C GLU B 162 -23.13 28.01 -3.36
N ARG B 163 -23.82 27.77 -4.47
CA ARG B 163 -25.27 27.94 -4.49
C ARG B 163 -26.03 26.65 -4.24
N GLY B 164 -25.33 25.51 -4.12
CA GLY B 164 -25.99 24.26 -3.80
C GLY B 164 -26.67 23.58 -4.97
N TYR B 165 -26.28 23.88 -6.20
CA TYR B 165 -26.90 23.29 -7.37
C TYR B 165 -26.20 21.99 -7.74
N VAL B 166 -26.95 20.90 -7.83
CA VAL B 166 -26.43 19.59 -8.24
C VAL B 166 -26.92 19.34 -9.66
N LEU B 167 -25.97 19.16 -10.58
CA LEU B 167 -26.27 19.02 -12.00
C LEU B 167 -27.02 17.73 -12.26
N ASP B 168 -27.89 17.76 -13.28
CA ASP B 168 -28.40 16.53 -13.84
C ASP B 168 -27.26 15.73 -14.47
N MET B 169 -27.44 14.41 -14.50
CA MET B 169 -26.35 13.48 -14.82
C MET B 169 -25.66 13.82 -16.14
N ALA B 170 -26.43 14.05 -17.19
CA ALA B 170 -25.84 14.33 -18.51
C ALA B 170 -25.00 15.59 -18.48
N SER B 171 -25.52 16.68 -17.88
CA SER B 171 -24.71 17.88 -17.74
C SER B 171 -23.52 17.65 -16.82
N PHE B 172 -23.71 16.88 -15.75
CA PHE B 172 -22.60 16.62 -14.84
C PHE B 172 -21.43 15.94 -15.54
N GLU B 173 -21.72 14.96 -16.40
CA GLU B 173 -20.63 14.20 -17.02
C GLU B 173 -19.80 15.09 -17.93
N THR B 174 -20.47 15.94 -18.70
CA THR B 174 -19.77 16.91 -19.53
C THR B 174 -18.85 17.79 -18.69
N LEU B 175 -19.34 18.25 -17.54
CA LEU B 175 -18.54 19.16 -16.72
C LEU B 175 -17.42 18.41 -16.01
N ARG B 176 -17.72 17.21 -15.51
CA ARG B 176 -16.75 16.46 -14.72
C ARG B 176 -15.58 15.99 -15.58
N ARG B 177 -15.86 15.59 -16.81
CA ARG B 177 -14.79 15.23 -17.75
C ARG B 177 -13.74 16.32 -17.82
N GLU B 178 -14.16 17.58 -17.74
CA GLU B 178 -13.22 18.68 -17.79
C GLU B 178 -12.63 19.02 -16.42
N ASN B 179 -13.48 19.22 -15.41
CA ASN B 179 -12.91 19.71 -14.16
C ASN B 179 -12.16 18.62 -13.39
N SER B 180 -12.20 17.37 -13.86
CA SER B 180 -11.37 16.34 -13.26
C SER B 180 -9.91 16.51 -13.63
N ALA B 181 -9.63 17.32 -14.65
CA ALA B 181 -8.32 17.49 -15.28
C ALA B 181 -7.86 16.25 -16.04
N ILE B 182 -8.73 15.26 -16.28
CA ILE B 182 -8.23 14.04 -16.91
C ILE B 182 -7.85 14.30 -18.37
N ARG B 183 -8.53 15.21 -19.06
CA ARG B 183 -8.17 15.48 -20.44
C ARG B 183 -6.83 16.21 -20.52
N LEU B 184 -6.53 17.08 -19.56
CA LEU B 184 -5.20 17.66 -19.49
C LEU B 184 -4.13 16.59 -19.25
N CYS B 185 -4.42 15.64 -18.36
CA CYS B 185 -3.43 14.61 -18.07
C CYS B 185 -3.24 13.69 -19.26
N PHE B 186 -4.34 13.28 -19.92
CA PHE B 186 -4.22 12.54 -21.18
C PHE B 186 -3.52 13.40 -22.22
N GLY B 187 -3.73 14.71 -22.14
CA GLY B 187 -3.13 15.66 -23.05
C GLY B 187 -1.62 15.73 -22.98
N LEU B 188 -1.01 15.13 -21.96
CA LEU B 188 0.46 15.05 -21.87
C LEU B 188 1.04 13.79 -22.52
N PHE B 189 0.20 12.84 -22.97
CA PHE B 189 0.72 11.62 -23.60
C PHE B 189 1.64 11.95 -24.79
N GLU B 190 1.22 12.88 -25.66
CA GLU B 190 2.08 13.22 -26.81
C GLU B 190 3.35 13.92 -26.39
N TYR B 191 3.32 14.64 -25.27
CA TYR B 191 4.55 15.19 -24.69
C TYR B 191 5.44 14.08 -24.13
N VAL B 192 4.87 13.20 -23.30
CA VAL B 192 5.67 12.17 -22.64
C VAL B 192 6.27 11.21 -23.66
N LEU B 193 5.50 10.83 -24.67
CA LEU B 193 5.96 9.90 -25.70
C LEU B 193 6.74 10.58 -26.82
N GLY B 194 6.84 11.91 -26.80
CA GLY B 194 7.70 12.62 -27.72
C GLY B 194 7.24 12.67 -29.16
N VAL B 195 5.95 12.56 -29.44
CA VAL B 195 5.47 12.65 -30.82
C VAL B 195 3.99 12.98 -30.81
N ASP B 196 3.57 13.82 -31.76
CA ASP B 196 2.15 14.12 -31.95
C ASP B 196 1.44 12.97 -32.67
N LEU B 197 0.16 12.76 -32.32
CA LEU B 197 -0.65 11.91 -33.18
C LEU B 197 -1.19 12.72 -34.36
N PRO B 198 -1.42 12.08 -35.51
CA PRO B 198 -2.16 12.77 -36.58
C PRO B 198 -3.49 13.28 -36.06
N GLU B 199 -3.86 14.49 -36.52
CA GLU B 199 -5.09 15.09 -36.02
C GLU B 199 -6.30 14.22 -36.30
N GLY B 200 -6.27 13.43 -37.39
CA GLY B 200 -7.38 12.58 -37.74
C GLY B 200 -7.59 11.39 -36.82
N VAL B 201 -6.57 10.99 -36.06
CA VAL B 201 -6.74 9.91 -35.10
C VAL B 201 -7.75 10.31 -34.04
N PHE B 202 -7.67 11.57 -33.58
CA PHE B 202 -8.57 12.07 -32.54
C PHE B 202 -10.01 12.15 -33.00
N GLU B 203 -10.29 11.92 -34.29
CA GLU B 203 -11.64 11.90 -34.82
C GLU B 203 -12.11 10.51 -35.18
N ASP B 204 -11.29 9.49 -34.99
CA ASP B 204 -11.70 8.13 -35.29
C ASP B 204 -12.72 7.64 -34.27
N PRO B 205 -13.82 7.01 -34.69
CA PRO B 205 -14.84 6.62 -33.70
C PRO B 205 -14.35 5.59 -32.71
N VAL B 206 -13.50 4.65 -33.13
CA VAL B 206 -13.01 3.65 -32.19
C VAL B 206 -12.03 4.28 -31.21
N PHE B 207 -11.10 5.10 -31.71
CA PHE B 207 -10.17 5.78 -30.82
C PHE B 207 -10.92 6.66 -29.83
N MET B 208 -11.98 7.35 -30.28
CA MET B 208 -12.76 8.19 -29.38
C MET B 208 -13.45 7.35 -28.30
N THR B 209 -13.99 6.18 -28.68
CA THR B 209 -14.59 5.31 -27.69
C THR B 209 -13.60 4.93 -26.60
N LEU B 210 -12.36 4.61 -26.98
CA LEU B 210 -11.33 4.29 -26.00
C LEU B 210 -11.03 5.50 -25.11
N TYR B 211 -10.78 6.65 -25.72
CA TYR B 211 -10.46 7.88 -24.99
C TYR B 211 -11.52 8.20 -23.92
N TRP B 212 -12.79 8.20 -24.30
CA TRP B 212 -13.82 8.57 -23.33
C TRP B 212 -14.08 7.46 -22.31
N ALA B 213 -13.99 6.18 -22.70
CA ALA B 213 -14.13 5.13 -21.70
C ALA B 213 -13.06 5.24 -20.62
N ALA B 214 -11.81 5.49 -21.03
CA ALA B 214 -10.74 5.61 -20.04
C ALA B 214 -10.92 6.86 -19.19
N ALA B 215 -11.24 7.99 -19.82
CA ALA B 215 -11.44 9.22 -19.06
C ALA B 215 -12.60 9.07 -18.09
N ASP B 216 -13.66 8.36 -18.50
CA ASP B 216 -14.81 8.19 -17.61
C ASP B 216 -14.52 7.20 -16.51
N MET B 217 -13.74 6.14 -16.81
CA MET B 217 -13.35 5.22 -15.74
C MET B 217 -12.58 5.94 -14.65
N VAL B 218 -11.71 6.88 -15.01
CA VAL B 218 -10.95 7.61 -14.01
C VAL B 218 -11.88 8.51 -13.17
N CYS B 219 -12.79 9.23 -13.84
CA CYS B 219 -13.69 10.15 -13.15
C CYS B 219 -14.61 9.39 -12.20
N TRP B 220 -15.25 8.34 -12.70
CA TRP B 220 -16.22 7.61 -11.89
C TRP B 220 -15.54 6.92 -10.71
N SER B 221 -14.34 6.36 -10.92
CA SER B 221 -13.67 5.70 -9.80
C SER B 221 -13.20 6.71 -8.77
N ASN B 222 -12.67 7.86 -9.21
CA ASN B 222 -12.27 8.88 -8.26
C ASN B 222 -13.47 9.42 -7.48
N ASP B 223 -14.62 9.57 -8.15
CA ASP B 223 -15.80 10.06 -7.45
C ASP B 223 -16.20 9.14 -6.30
N VAL B 224 -16.25 7.83 -6.56
CA VAL B 224 -16.75 6.93 -5.52
C VAL B 224 -15.73 6.81 -4.38
N TYR B 225 -14.43 6.91 -4.69
CA TYR B 225 -13.42 6.89 -3.63
C TYR B 225 -13.41 8.19 -2.85
N SER B 226 -13.56 9.32 -3.53
CA SER B 226 -13.42 10.60 -2.85
C SER B 226 -14.70 11.06 -2.21
N TYR B 227 -15.82 10.35 -2.44
CA TYR B 227 -17.12 10.79 -1.96
C TYR B 227 -17.12 11.11 -0.46
N ASN B 228 -16.54 10.21 0.35
CA ASN B 228 -16.56 10.40 1.79
C ASN B 228 -15.91 11.71 2.20
N MET B 229 -14.68 11.96 1.75
CA MET B 229 -14.02 13.21 2.11
C MET B 229 -14.74 14.41 1.52
N GLU B 230 -15.32 14.26 0.33
CA GLU B 230 -15.98 15.40 -0.29
C GLU B 230 -17.28 15.76 0.44
N GLN B 231 -18.07 14.75 0.85
CA GLN B 231 -19.28 15.08 1.59
C GLN B 231 -18.95 15.67 2.95
N ALA B 232 -17.85 15.22 3.57
CA ALA B 232 -17.45 15.77 4.85
C ALA B 232 -17.09 17.26 4.75
N LYS B 233 -16.64 17.70 3.58
CA LYS B 233 -16.25 19.09 3.35
C LYS B 233 -17.36 19.93 2.71
N GLY B 234 -18.54 19.36 2.48
CA GLY B 234 -19.57 20.07 1.74
C GLY B 234 -19.29 20.19 0.25
N HIS B 235 -18.50 19.29 -0.31
CA HIS B 235 -18.12 19.35 -1.72
C HIS B 235 -18.75 18.24 -2.54
N SER B 236 -19.82 17.64 -2.03
CA SER B 236 -20.40 16.45 -2.66
C SER B 236 -21.14 16.74 -3.95
N GLY B 237 -21.41 18.00 -4.27
CA GLY B 237 -22.19 18.31 -5.47
C GLY B 237 -21.50 17.91 -6.76
N ASN B 238 -20.16 17.95 -6.79
CA ASN B 238 -19.41 17.57 -7.99
C ASN B 238 -18.97 16.11 -7.90
N ASN B 239 -19.95 15.22 -7.73
CA ASN B 239 -19.66 13.80 -7.51
C ASN B 239 -20.80 12.95 -8.01
N ILE B 240 -20.49 11.94 -8.83
CA ILE B 240 -21.51 11.08 -9.44
C ILE B 240 -22.37 10.38 -8.38
N VAL B 241 -21.81 10.11 -7.21
CA VAL B 241 -22.59 9.44 -6.16
C VAL B 241 -23.76 10.33 -5.74
N THR B 242 -23.51 11.62 -5.52
CA THR B 242 -24.58 12.53 -5.16
C THR B 242 -25.58 12.69 -6.31
N VAL B 243 -25.09 12.86 -7.53
CA VAL B 243 -25.96 13.00 -8.69
C VAL B 243 -26.86 11.78 -8.82
N LEU B 244 -26.31 10.59 -8.60
CA LEU B 244 -27.07 9.35 -8.72
C LEU B 244 -28.18 9.28 -7.67
N MET B 245 -27.80 9.45 -6.39
CA MET B 245 -28.78 9.40 -5.32
C MET B 245 -29.93 10.38 -5.56
N ARG B 246 -29.58 11.61 -5.94
CA ARG B 246 -30.60 12.64 -6.14
C ARG B 246 -31.53 12.29 -7.30
N GLN B 247 -30.97 11.87 -8.43
CA GLN B 247 -31.75 11.79 -9.65
C GLN B 247 -32.32 10.41 -9.93
N LYS B 248 -31.72 9.36 -9.40
CA LYS B 248 -32.34 8.05 -9.45
C LYS B 248 -33.11 7.73 -8.17
N ASN B 249 -33.07 8.62 -7.18
CA ASN B 249 -33.73 8.43 -5.90
C ASN B 249 -33.29 7.12 -5.22
N VAL B 250 -31.99 6.88 -5.19
CA VAL B 250 -31.44 5.65 -4.61
C VAL B 250 -30.65 5.98 -3.36
N ASP B 251 -30.33 4.94 -2.59
CA ASP B 251 -29.52 5.10 -1.39
C ASP B 251 -28.05 4.98 -1.74
N LEU B 252 -27.19 5.24 -0.74
CA LEU B 252 -25.75 5.36 -0.97
C LEU B 252 -25.14 4.06 -1.47
N GLN B 253 -25.54 2.94 -0.89
CA GLN B 253 -24.98 1.65 -1.28
C GLN B 253 -25.40 1.26 -2.68
N THR B 254 -26.64 1.59 -3.08
CA THR B 254 -27.06 1.39 -4.46
C THR B 254 -26.32 2.32 -5.42
N ALA B 255 -26.12 3.58 -5.03
CA ALA B 255 -25.32 4.46 -5.89
C ALA B 255 -23.91 3.90 -6.06
N SER B 256 -23.35 3.33 -4.98
CA SER B 256 -22.05 2.67 -5.05
C SER B 256 -22.08 1.48 -6.01
N ASP B 257 -23.13 0.66 -5.93
CA ASP B 257 -23.26 -0.49 -6.85
C ASP B 257 -23.39 -0.02 -8.29
N LEU B 258 -24.11 1.09 -8.50
CA LEU B 258 -24.26 1.64 -9.85
C LEU B 258 -22.92 2.07 -10.41
N VAL B 259 -22.07 2.66 -9.56
CA VAL B 259 -20.74 3.05 -10.02
C VAL B 259 -19.95 1.83 -10.47
N GLY B 260 -20.01 0.74 -9.69
CA GLY B 260 -19.33 -0.48 -10.09
C GLY B 260 -19.90 -1.08 -11.36
N GLU B 261 -21.23 -1.01 -11.54
CA GLU B 261 -21.80 -1.51 -12.78
C GLU B 261 -21.37 -0.66 -13.97
N HIS B 262 -21.36 0.65 -13.80
CA HIS B 262 -20.94 1.52 -14.89
C HIS B 262 -19.45 1.34 -15.19
N PHE B 263 -18.62 1.20 -14.15
CA PHE B 263 -17.20 0.96 -14.39
C PHE B 263 -16.99 -0.31 -15.20
N ALA B 264 -17.69 -1.38 -14.81
CA ALA B 264 -17.57 -2.65 -15.54
C ALA B 264 -18.01 -2.49 -17.00
N THR B 265 -19.07 -1.72 -17.23
CA THR B 265 -19.53 -1.45 -18.58
C THR B 265 -18.47 -0.70 -19.37
N LEU B 266 -17.87 0.32 -18.76
CA LEU B 266 -16.83 1.09 -19.43
C LEU B 266 -15.60 0.24 -19.71
N MET B 267 -15.24 -0.64 -18.78
CA MET B 267 -14.06 -1.47 -18.99
C MET B 267 -14.28 -2.47 -20.12
N ASP B 268 -15.42 -3.16 -20.11
CA ASP B 268 -15.79 -4.01 -21.24
C ASP B 268 -15.76 -3.23 -22.55
N ARG B 269 -16.29 -2.02 -22.54
CA ARG B 269 -16.32 -1.23 -23.77
C ARG B 269 -14.90 -0.93 -24.25
N PHE B 270 -14.02 -0.54 -23.32
CA PHE B 270 -12.63 -0.27 -23.68
C PHE B 270 -11.95 -1.51 -24.24
N VAL B 271 -12.06 -2.64 -23.53
CA VAL B 271 -11.30 -3.82 -23.95
C VAL B 271 -11.83 -4.38 -25.26
N THR B 272 -13.15 -4.34 -25.48
CA THR B 272 -13.65 -4.86 -26.75
C THR B 272 -13.43 -3.86 -27.89
N ALA B 273 -13.47 -2.56 -27.60
CA ALA B 273 -13.23 -1.59 -28.66
C ALA B 273 -11.79 -1.69 -29.16
N LYS B 274 -10.86 -2.09 -28.29
CA LYS B 274 -9.44 -2.11 -28.66
C LYS B 274 -9.22 -2.88 -29.95
N GLY B 275 -10.03 -3.92 -30.19
CA GLY B 275 -9.84 -4.74 -31.38
C GLY B 275 -10.12 -3.96 -32.66
N GLY B 276 -11.17 -3.17 -32.65
CA GLY B 276 -11.58 -2.45 -33.84
C GLY B 276 -10.70 -1.29 -34.25
N LEU B 277 -9.60 -1.07 -33.55
CA LEU B 277 -8.69 0.01 -33.91
C LEU B 277 -8.24 -0.15 -35.35
N PRO B 278 -8.44 0.83 -36.21
CA PRO B 278 -7.92 0.74 -37.57
C PRO B 278 -6.41 0.82 -37.58
N SER B 279 -5.83 0.47 -38.74
CA SER B 279 -4.40 0.55 -38.96
C SER B 279 -4.16 1.57 -40.06
N TRP B 280 -3.36 2.60 -39.76
CA TRP B 280 -3.07 3.66 -40.72
C TRP B 280 -1.74 3.48 -41.41
N SER B 281 -0.67 3.24 -40.63
CA SER B 281 0.68 3.09 -41.14
C SER B 281 1.57 2.61 -40.01
N PRO B 282 2.69 1.93 -40.30
CA PRO B 282 3.57 1.45 -39.23
C PRO B 282 3.92 2.48 -38.17
N SER B 283 4.38 3.68 -38.56
CA SER B 283 4.76 4.66 -37.56
C SER B 283 3.55 5.16 -36.78
N VAL B 284 2.43 5.42 -37.49
CA VAL B 284 1.24 5.93 -36.81
C VAL B 284 0.67 4.87 -35.87
N ASP B 285 0.64 3.61 -36.33
CA ASP B 285 0.12 2.52 -35.51
C ASP B 285 0.93 2.33 -34.22
N ALA B 286 2.26 2.45 -34.32
CA ALA B 286 3.08 2.36 -33.13
C ALA B 286 2.76 3.50 -32.16
N ALA B 287 2.58 4.72 -32.66
CA ALA B 287 2.33 5.83 -31.75
C ALA B 287 0.94 5.73 -31.14
N VAL B 288 -0.04 5.28 -31.92
CA VAL B 288 -1.39 5.11 -31.40
C VAL B 288 -1.43 4.03 -30.32
N SER B 289 -0.75 2.92 -30.56
CA SER B 289 -0.72 1.82 -29.59
C SER B 289 -0.10 2.28 -28.27
N ASP B 290 0.97 3.08 -28.33
CA ASP B 290 1.55 3.61 -27.10
C ASP B 290 0.57 4.51 -26.35
N TYR B 291 -0.17 5.35 -27.08
CA TYR B 291 -1.16 6.21 -26.47
C TYR B 291 -2.28 5.40 -25.82
N VAL B 292 -2.74 4.34 -26.48
CA VAL B 292 -3.77 3.49 -25.90
C VAL B 292 -3.25 2.81 -24.65
N ARG B 293 -2.02 2.32 -24.68
CA ARG B 293 -1.41 1.71 -23.49
C ARG B 293 -1.28 2.74 -22.36
N ALA B 294 -0.94 3.99 -22.70
CA ALA B 294 -0.90 5.06 -21.70
C ALA B 294 -2.27 5.29 -21.06
N MET B 295 -3.35 5.15 -21.81
CA MET B 295 -4.68 5.25 -21.21
C MET B 295 -4.90 4.12 -20.20
N GLU B 296 -4.44 2.91 -20.53
CA GLU B 296 -4.56 1.78 -19.61
C GLU B 296 -3.78 2.01 -18.33
N TYR B 297 -2.57 2.57 -18.43
CA TYR B 297 -1.80 2.82 -17.23
C TYR B 297 -2.48 3.85 -16.35
N TRP B 298 -3.17 4.83 -16.95
CA TRP B 298 -3.89 5.82 -16.14
C TRP B 298 -5.03 5.18 -15.38
N VAL B 299 -5.86 4.39 -16.06
CA VAL B 299 -7.00 3.76 -15.39
C VAL B 299 -6.51 2.92 -14.22
N THR B 300 -5.52 2.05 -14.46
CA THR B 300 -5.00 1.16 -13.42
C THR B 300 -4.26 1.93 -12.34
N GLY B 301 -3.43 2.89 -12.75
CA GLY B 301 -2.61 3.59 -11.78
C GLY B 301 -3.42 4.48 -10.87
N ASN B 302 -4.50 5.06 -11.39
CA ASN B 302 -5.39 5.83 -10.53
C ASN B 302 -6.03 4.96 -9.46
N LEU B 303 -6.45 3.74 -9.82
CA LEU B 303 -7.01 2.83 -8.83
C LEU B 303 -5.98 2.48 -7.75
N GLU B 304 -4.79 2.04 -8.19
CA GLU B 304 -3.74 1.63 -7.25
C GLU B 304 -3.34 2.77 -6.33
N TRP B 305 -3.17 3.97 -6.89
CA TRP B 305 -2.76 5.11 -6.08
C TRP B 305 -3.82 5.45 -5.04
N SER B 306 -5.10 5.29 -5.38
CA SER B 306 -6.16 5.69 -4.48
C SER B 306 -6.10 4.95 -3.15
N PHE B 307 -5.50 3.76 -3.14
CA PHE B 307 -5.31 2.97 -1.94
C PHE B 307 -3.92 3.09 -1.35
N GLU B 308 -3.01 3.81 -2.01
CA GLU B 308 -1.71 4.12 -1.42
C GLU B 308 -1.70 5.48 -0.74
N THR B 309 -2.44 6.45 -1.26
CA THR B 309 -2.53 7.78 -0.67
C THR B 309 -3.45 7.75 0.57
N GLN B 310 -3.25 8.73 1.46
CA GLN B 310 -4.15 8.99 2.57
C GLN B 310 -5.35 9.82 2.17
N ARG B 311 -5.36 10.35 0.94
CA ARG B 311 -6.26 11.44 0.59
C ARG B 311 -7.72 11.05 0.75
N TYR B 312 -8.11 9.87 0.28
CA TYR B 312 -9.52 9.47 0.32
C TYR B 312 -9.89 8.64 1.54
N PHE B 313 -9.01 7.75 2.00
CA PHE B 313 -9.39 6.75 2.99
C PHE B 313 -8.71 6.92 4.34
N GLY B 314 -7.84 7.90 4.49
CA GLY B 314 -7.20 8.13 5.77
C GLY B 314 -6.02 7.21 6.01
N VAL B 315 -5.59 7.18 7.29
CA VAL B 315 -4.38 6.46 7.67
C VAL B 315 -4.52 4.97 7.43
N MET B 316 -5.72 4.43 7.54
CA MET B 316 -5.92 3.00 7.36
C MET B 316 -6.21 2.62 5.91
N HIS B 317 -5.72 3.42 4.96
CA HIS B 317 -6.03 3.20 3.55
C HIS B 317 -5.60 1.81 3.07
N ALA B 318 -4.50 1.28 3.59
CA ALA B 318 -4.07 -0.05 3.19
C ALA B 318 -5.11 -1.11 3.55
N GLU B 319 -5.77 -0.95 4.71
CA GLU B 319 -6.80 -1.90 5.10
C GLU B 319 -8.05 -1.76 4.25
N ILE B 320 -8.44 -0.53 3.94
CA ILE B 320 -9.64 -0.28 3.13
C ILE B 320 -9.52 -0.93 1.76
N LYS B 321 -8.29 -1.01 1.22
CA LYS B 321 -8.08 -1.71 -0.04
C LYS B 321 -8.72 -3.10 -0.05
N TYR B 322 -8.62 -3.82 1.07
CA TYR B 322 -9.11 -5.19 1.14
C TYR B 322 -10.50 -5.31 1.73
N THR B 323 -10.91 -4.41 2.62
CA THR B 323 -12.26 -4.44 3.16
C THR B 323 -13.26 -3.62 2.36
N ARG B 324 -12.82 -2.53 1.71
CA ARG B 324 -13.68 -1.62 0.97
C ARG B 324 -14.80 -1.03 1.82
N LEU B 325 -14.63 -1.06 3.14
CA LEU B 325 -15.66 -0.55 4.05
C LEU B 325 -15.35 0.90 4.40
N ILE B 326 -16.27 1.78 4.01
CA ILE B 326 -16.18 3.22 4.26
C ILE B 326 -17.19 3.58 5.33
N SER B 327 -16.72 4.13 6.46
CA SER B 327 -17.62 4.74 7.43
C SER B 327 -17.60 6.25 7.21
N LEU B 328 -18.76 6.83 6.96
CA LEU B 328 -18.83 8.23 6.58
C LEU B 328 -18.29 9.12 7.70
N ARG B 329 -17.54 10.14 7.30
CA ARG B 329 -16.89 11.04 8.24
C ARG B 329 -17.80 12.22 8.58
N GLU B 330 -17.56 12.80 9.76
CA GLU B 330 -18.28 13.99 10.22
C GLU B 330 -18.24 15.09 9.17
MG MG C . 8.94 -6.17 18.78
MG MG D . 11.66 -7.89 20.22
MG MG E . 11.98 -6.16 14.77
O11 PPV F . 10.14 -8.12 18.19
P1 PPV F . 10.28 -8.39 16.71
O21 PPV F . 10.37 -9.87 16.43
O31 PPV F . 11.55 -7.73 16.20
OPP PPV F . 8.94 -7.79 15.93
P2 PPV F . 8.68 -6.24 15.43
O12 PPV F . 8.35 -5.34 16.60
O22 PPV F . 9.89 -5.71 14.68
O32 PPV F . 7.49 -6.27 14.49
C1 PEG G . 4.99 -11.72 16.12
O1 PEG G . 4.97 -10.35 16.38
C2 PEG G . 4.24 -12.03 14.83
O2 PEG G . 5.17 -12.16 13.79
C3 PEG G . 5.89 -13.35 13.80
C4 PEG G . 6.84 -13.35 12.60
O4 PEG G . 7.84 -12.39 12.76
C1 PEG H . 25.72 -16.92 9.38
O1 PEG H . 25.66 -15.52 9.37
C2 PEG H . 25.37 -17.47 8.00
O2 PEG H . 26.21 -16.91 7.02
C3 PEG H . 25.85 -17.21 5.70
C4 PEG H . 26.74 -16.46 4.71
O4 PEG H . 26.42 -15.09 4.71
MG MG I . 7.72 -11.47 15.21
MG MG J . -10.82 18.09 -5.38
MG MG K . -13.71 18.27 -6.79
MG MG L . -13.02 13.57 -6.29
O11 PPV M . -11.31 13.94 -5.43
P1 PPV M . -10.07 14.74 -5.72
O21 PPV M . -8.84 13.88 -5.52
O31 PPV M . -10.01 15.94 -4.80
OPP PPV M . -10.13 15.27 -7.28
P2 PPV M . -11.41 16.10 -7.92
O12 PPV M . -12.70 15.34 -7.65
O22 PPV M . -11.16 16.19 -9.42
O32 PPV M . -11.50 17.49 -7.34
C1 PEG N . -6.79 13.51 -12.76
O1 PEG N . -7.88 12.84 -12.19
C2 PEG N . -5.74 13.82 -11.69
O2 PEG N . -5.53 15.21 -11.64
C3 PEG N . -5.17 15.66 -10.36
C4 PEG N . -5.73 17.05 -10.13
O4 PEG N . -6.59 17.04 -9.01
C1 PEG O . -23.80 1.46 -17.84
O1 PEG O . -23.63 0.86 -16.59
C2 PEG O . -24.91 2.51 -17.73
O2 PEG O . -24.68 3.53 -18.66
C3 PEG O . -24.37 3.12 -19.97
C4 PEG O . -24.59 4.28 -20.93
O4 PEG O . -23.81 5.39 -20.54
MG MG P . -8.24 15.40 -10.68
#